data_8VVH
#
_entry.id   8VVH
#
_cell.length_a   1.00
_cell.length_b   1.00
_cell.length_c   1.00
_cell.angle_alpha   90.00
_cell.angle_beta   90.00
_cell.angle_gamma   90.00
#
_symmetry.space_group_name_H-M   'P 1'
#
loop_
_entity.id
_entity.type
_entity.pdbx_description
1 polymer 'Glutamate receptor ionotropic, NMDA 1'
2 polymer 'Glutamate receptor ionotropic, NMDA 2B'
3 polymer '003-102 Heavy'
4 polymer '003-102 Light'
#
loop_
_entity_poly.entity_id
_entity_poly.type
_entity_poly.pdbx_seq_one_letter_code
_entity_poly.pdbx_strand_id
1 'polypeptide(L)'
;KIVNIGAVLSTRKHEQMFREAVNQANKRHGSWKIQLQATSVTHKPNAIQMALSVCEDLISSQVYAILVSHPPTPNDHFTP
TPVSYTAGFYRIPVLGLTTRMSIYSDKSIHLSFLRTVPPYSHQSSVWFEMMRVYNWNHIILLVSDDHEGRAAQKRLETLL
EERESKAEKVLQFDPGTKNVTALLMEARELEARVIILSASEDDAATVYRAAAMLDMTGSGYVWLVGEREISGNALRYAPD
GIIGLQLINGKNESAHISDAVGVVAQAVHELLEKENITDPPRGCVGNTNIWKTGPLFKRVLMSSKYADGVTGRVEFNEDG
DRKFAQYSIMNLQNRKLVQVGIYNGTHVIPNDRKIIWPGGETEKPRGYQ
;
A
2 'polypeptide(L)'
;SIGIAVILVGTSDEVAIKDAHEKDDFHHLSVVPRVELVAMNETDPKSIITRICDLMSDRKIQGVVFADDTDQEAIAQILD
FISAQTLTPILGIHGGSSMIMADKDESSMFFQFGPSIEQQASVMLNIMEEYDWYIFSIVTTYFPGYQDFVNKIRSTIENS
FVGWELEEVLLLDMSLDDGDSKIQNQLKKLQSPIILLYCTKEEATYIFEVANSVGLTGYGYTWIVPSLVAGDTDTVPSEF
PTGLISVSYDEWDYGLPARVRDGIAIITTAASDMLSEHSFIPEPKSSCYNTHEKRIYQSNMLNRYLINVTFEGRDLSFSE
EGYQMHPKLVIILLNKERKWERVGKWKDKSLQMK
;
B
3 'polypeptide(L)'
;LQLQESGPGLVKPSQTLSLTCTVSGGSISSSNWWSWVRQPPGKGLEWIGEIYHSGNTNYNPSLKSRVTVSVDKSKNQFSL
KLTSVTAADTAVYYCARDVSGGVNWFDPWGQGTLV
;
H
4 'polypeptide(L)'
;NFMLTQPHSVSESPGKTVTISCTRSSGSIASNYVQWYQQRPGSAPTTVIYEDNQRPSGVPDRFSGSIDSSSNSASLTISG
LKTEDEADYYCQSYDSSTVVFGGGTKLT
;
L
#
# COMPACT_ATOMS: atom_id res chain seq x y z
N LYS A 1 7.30 1.07 39.52
CA LYS A 1 7.65 0.19 38.41
C LYS A 1 8.40 0.95 37.32
N ILE A 2 9.25 0.24 36.59
CA ILE A 2 10.03 0.82 35.50
C ILE A 2 9.67 0.06 34.22
N VAL A 3 9.08 0.77 33.27
CA VAL A 3 8.65 0.20 32.00
C VAL A 3 9.17 1.08 30.87
N ASN A 4 9.73 0.45 29.84
CA ASN A 4 10.28 1.19 28.71
C ASN A 4 9.63 0.72 27.42
N ILE A 5 9.65 1.60 26.42
CA ILE A 5 9.07 1.34 25.11
C ILE A 5 10.17 1.42 24.06
N GLY A 6 9.94 0.75 22.94
CA GLY A 6 10.93 0.70 21.88
C GLY A 6 10.42 1.24 20.56
N ALA A 7 11.35 1.60 19.67
CA ALA A 7 10.98 2.14 18.37
C ALA A 7 12.00 1.71 17.33
N VAL A 8 11.55 1.71 16.09
CA VAL A 8 12.38 1.38 14.93
C VAL A 8 12.29 2.56 13.98
N LEU A 9 13.22 3.50 14.11
CA LEU A 9 13.22 4.70 13.29
C LEU A 9 14.10 4.47 12.05
N SER A 10 14.37 5.54 11.31
CA SER A 10 15.09 5.44 10.04
C SER A 10 16.42 6.20 10.02
N THR A 11 16.76 6.92 11.08
CA THR A 11 18.01 7.70 11.09
C THR A 11 18.40 7.95 12.54
N ARG A 12 19.42 8.80 12.73
CA ARG A 12 19.89 9.17 14.05
C ARG A 12 19.29 10.46 14.57
N LYS A 13 18.98 11.41 13.68
CA LYS A 13 18.30 12.63 14.10
C LYS A 13 16.91 12.30 14.66
N HIS A 14 16.22 11.36 14.04
CA HIS A 14 14.95 10.90 14.59
C HIS A 14 15.13 10.26 15.96
N GLU A 15 16.24 9.54 16.15
CA GLU A 15 16.53 8.95 17.47
C GLU A 15 16.75 10.04 18.51
N GLN A 16 17.48 11.09 18.15
CA GLN A 16 17.68 12.20 19.08
C GLN A 16 16.36 12.89 19.40
N MET A 17 15.50 13.06 18.39
CA MET A 17 14.19 13.66 18.62
C MET A 17 13.35 12.79 19.55
N PHE A 18 13.41 11.47 19.36
CA PHE A 18 12.67 10.56 20.24
C PHE A 18 13.19 10.65 21.67
N ARG A 19 14.51 10.71 21.84
CA ARG A 19 15.09 10.84 23.18
C ARG A 19 14.66 12.14 23.84
N GLU A 20 14.68 13.25 23.09
CA GLU A 20 14.24 14.52 23.64
C GLU A 20 12.76 14.48 24.00
N ALA A 21 11.95 13.86 23.16
CA ALA A 21 10.52 13.77 23.42
C ALA A 21 10.23 12.96 24.68
N VAL A 22 10.89 11.82 24.84
CA VAL A 22 10.66 11.02 26.05
C VAL A 22 11.22 11.72 27.28
N ASN A 23 12.32 12.46 27.14
CA ASN A 23 12.85 13.23 28.25
C ASN A 23 11.85 14.31 28.69
N GLN A 24 11.23 14.99 27.73
CA GLN A 24 10.20 15.96 28.09
C GLN A 24 8.96 15.30 28.66
N ALA A 25 8.63 14.09 28.18
CA ALA A 25 7.43 13.40 28.64
C ALA A 25 7.58 12.95 30.09
N ASN A 26 8.71 12.34 30.44
CA ASN A 26 8.89 11.83 31.79
C ASN A 26 9.03 12.94 32.82
N LYS A 27 9.21 14.19 32.39
CA LYS A 27 9.31 15.32 33.31
C LYS A 27 7.95 15.93 33.63
N ARG A 28 6.87 15.42 33.02
CA ARG A 28 5.54 15.94 33.28
C ARG A 28 4.87 15.21 34.44
N ILE A 34 7.51 5.92 38.74
CA ILE A 34 7.22 5.47 37.39
C ILE A 34 8.07 6.23 36.38
N GLN A 35 9.15 5.59 35.93
CA GLN A 35 10.07 6.18 34.97
C GLN A 35 10.15 5.29 33.74
N LEU A 36 10.20 5.91 32.57
CA LEU A 36 10.23 5.19 31.31
C LEU A 36 11.44 5.62 30.47
N GLN A 37 11.98 4.66 29.73
CA GLN A 37 13.12 4.87 28.86
C GLN A 37 12.73 4.59 27.41
N ALA A 38 13.72 4.60 26.52
CA ALA A 38 13.47 4.37 25.10
C ALA A 38 14.61 3.55 24.50
N THR A 39 14.29 2.83 23.44
CA THR A 39 15.27 2.03 22.70
C THR A 39 14.99 2.15 21.21
N SER A 40 16.04 2.25 20.41
CA SER A 40 15.91 2.50 18.98
C SER A 40 16.81 1.54 18.21
N VAL A 41 16.46 1.36 16.93
CA VAL A 41 17.25 0.53 16.03
C VAL A 41 17.02 1.03 14.61
N THR A 42 17.91 0.68 13.71
CA THR A 42 17.85 1.14 12.33
C THR A 42 17.28 0.05 11.43
N HIS A 43 16.70 0.46 10.30
CA HIS A 43 16.11 -0.47 9.36
C HIS A 43 17.20 -1.28 8.65
N LYS A 44 16.79 -2.41 8.09
CA LYS A 44 17.68 -3.33 7.40
C LYS A 44 17.13 -3.60 6.00
N PRO A 45 18.02 -3.88 5.03
CA PRO A 45 17.55 -4.09 3.65
C PRO A 45 16.61 -5.27 3.49
N ASN A 46 16.79 -6.35 4.24
CA ASN A 46 15.99 -7.55 4.07
C ASN A 46 15.08 -7.75 5.27
N ALA A 47 13.99 -8.50 5.04
CA ALA A 47 12.92 -8.62 6.03
C ALA A 47 13.28 -9.57 7.17
N ILE A 48 13.95 -10.68 6.87
CA ILE A 48 14.15 -11.72 7.88
C ILE A 48 15.08 -11.24 9.00
N GLN A 49 16.20 -10.63 8.63
CA GLN A 49 17.09 -10.09 9.65
C GLN A 49 16.42 -8.95 10.42
N MET A 50 15.58 -8.18 9.74
CA MET A 50 14.82 -7.12 10.42
C MET A 50 13.92 -7.71 11.49
N ALA A 51 13.21 -8.80 11.16
CA ALA A 51 12.30 -9.42 12.13
C ALA A 51 13.06 -10.04 13.30
N LEU A 52 14.15 -10.75 13.01
CA LEU A 52 14.89 -11.36 14.11
C LEU A 52 15.53 -10.31 15.00
N SER A 53 16.04 -9.21 14.43
CA SER A 53 16.55 -8.12 15.23
C SER A 53 15.45 -7.46 16.04
N VAL A 54 14.25 -7.35 15.48
CA VAL A 54 13.13 -6.76 16.21
C VAL A 54 12.79 -7.60 17.43
N CYS A 55 12.74 -8.92 17.28
CA CYS A 55 12.40 -9.72 18.45
C CYS A 55 13.56 -9.82 19.42
N GLU A 56 14.81 -9.70 18.94
CA GLU A 56 15.93 -9.59 19.86
C GLU A 56 15.85 -8.32 20.70
N ASP A 57 15.48 -7.20 20.07
CA ASP A 57 15.25 -5.97 20.81
C ASP A 57 14.11 -6.13 21.81
N LEU A 58 13.06 -6.84 21.41
CA LEU A 58 11.97 -7.15 22.33
C LEU A 58 12.47 -7.92 23.54
N ILE A 59 13.26 -8.96 23.30
CA ILE A 59 13.78 -9.79 24.40
C ILE A 59 14.74 -8.98 25.27
N SER A 60 15.38 -7.96 24.70
CA SER A 60 16.37 -7.20 25.45
C SER A 60 15.76 -6.53 26.68
N SER A 61 14.56 -5.94 26.53
CA SER A 61 13.98 -5.19 27.63
C SER A 61 12.48 -5.40 27.81
N GLN A 62 11.84 -6.29 27.04
CA GLN A 62 10.41 -6.56 27.16
C GLN A 62 9.60 -5.28 26.94
N VAL A 63 9.70 -4.75 25.72
CA VAL A 63 9.05 -3.49 25.38
C VAL A 63 7.54 -3.67 25.37
N TYR A 64 6.83 -2.76 26.02
CA TYR A 64 5.37 -2.82 26.04
C TYR A 64 4.79 -2.54 24.65
N ALA A 65 5.31 -1.54 23.96
CA ALA A 65 4.82 -1.16 22.64
C ALA A 65 6.00 -0.83 21.74
N ILE A 66 5.81 -1.04 20.45
CA ILE A 66 6.83 -0.79 19.44
C ILE A 66 6.32 0.28 18.49
N LEU A 67 7.07 1.37 18.36
CA LEU A 67 6.74 2.45 17.44
C LEU A 67 7.53 2.23 16.16
N VAL A 68 6.84 1.83 15.09
CA VAL A 68 7.49 1.54 13.82
C VAL A 68 7.22 2.68 12.86
N SER A 69 8.11 2.83 11.88
CA SER A 69 8.00 3.89 10.88
C SER A 69 8.63 3.42 9.59
N HIS A 70 8.25 4.08 8.49
CA HIS A 70 8.75 3.70 7.18
C HIS A 70 9.68 4.76 6.63
N PRO A 71 10.75 4.38 5.94
CA PRO A 71 11.66 5.37 5.36
C PRO A 71 11.24 5.70 3.93
N PRO A 72 11.80 6.78 3.35
CA PRO A 72 11.51 7.07 1.93
C PRO A 72 12.28 6.14 1.01
N THR A 73 11.84 4.90 0.96
CA THR A 73 12.49 3.82 0.23
C THR A 73 11.47 3.10 -0.64
N PRO A 74 11.92 2.42 -1.70
CA PRO A 74 10.98 1.68 -2.55
C PRO A 74 10.45 0.42 -1.88
N ASN A 75 9.71 -0.39 -2.63
CA ASN A 75 9.08 -1.66 -2.25
C ASN A 75 7.85 -1.44 -1.38
N ASP A 76 7.53 -0.20 -1.00
CA ASP A 76 6.29 0.13 -0.31
C ASP A 76 6.12 -0.59 1.02
N HIS A 77 5.52 -1.78 0.99
CA HIS A 77 5.14 -2.50 2.20
C HIS A 77 6.15 -3.59 2.56
N PHE A 78 7.43 -3.34 2.31
CA PHE A 78 8.47 -4.28 2.69
C PHE A 78 9.08 -3.97 4.06
N THR A 79 9.04 -2.71 4.49
CA THR A 79 9.61 -2.31 5.77
C THR A 79 8.72 -2.63 6.98
N PRO A 80 7.41 -2.38 6.96
CA PRO A 80 6.62 -2.51 8.18
C PRO A 80 5.93 -3.85 8.38
N THR A 81 6.17 -4.84 7.51
CA THR A 81 5.51 -6.12 7.64
C THR A 81 6.14 -7.03 8.69
N PRO A 82 7.48 -7.24 8.68
CA PRO A 82 8.05 -8.19 9.66
C PRO A 82 7.81 -7.81 11.11
N VAL A 83 7.84 -6.51 11.42
CA VAL A 83 7.58 -6.08 12.79
C VAL A 83 6.16 -6.44 13.18
N SER A 84 5.21 -6.20 12.28
CA SER A 84 3.82 -6.56 12.55
C SER A 84 3.65 -8.06 12.73
N TYR A 85 4.36 -8.86 11.94
CA TYR A 85 4.25 -10.31 12.07
C TYR A 85 4.81 -10.78 13.40
N THR A 86 5.97 -10.25 13.81
CA THR A 86 6.52 -10.62 15.12
C THR A 86 5.60 -10.19 16.25
N ALA A 87 5.04 -8.98 16.16
CA ALA A 87 4.10 -8.53 17.18
C ALA A 87 2.88 -9.43 17.24
N GLY A 88 2.32 -9.80 16.10
CA GLY A 88 1.21 -10.72 16.09
C GLY A 88 1.56 -12.08 16.67
N PHE A 89 2.82 -12.51 16.48
CA PHE A 89 3.28 -13.71 17.17
C PHE A 89 3.23 -13.53 18.68
N TYR A 90 3.65 -12.37 19.18
CA TYR A 90 3.66 -12.11 20.61
C TYR A 90 2.48 -11.27 21.10
N ARG A 91 1.59 -10.85 20.20
CA ARG A 91 0.37 -10.11 20.56
C ARG A 91 0.68 -8.88 21.41
N ILE A 92 1.71 -8.13 21.04
CA ILE A 92 2.00 -6.86 21.70
C ILE A 92 1.61 -5.73 20.77
N PRO A 93 1.13 -4.60 21.30
CA PRO A 93 0.71 -3.49 20.43
C PRO A 93 1.87 -2.92 19.63
N VAL A 94 1.59 -2.55 18.39
CA VAL A 94 2.56 -1.87 17.52
C VAL A 94 1.87 -0.66 16.91
N LEU A 95 2.53 0.49 16.99
CA LEU A 95 1.98 1.76 16.51
C LEU A 95 2.78 2.21 15.30
N GLY A 96 2.09 2.45 14.18
CA GLY A 96 2.71 2.91 12.97
C GLY A 96 2.62 4.41 12.81
N LEU A 97 3.56 4.96 12.05
CA LEU A 97 3.67 6.41 11.87
C LEU A 97 3.39 6.87 10.45
N THR A 98 4.10 6.32 9.45
CA THR A 98 4.01 6.81 8.08
C THR A 98 3.69 5.67 7.12
N THR A 99 2.69 4.86 7.47
CA THR A 99 2.19 3.81 6.59
C THR A 99 0.79 4.20 6.14
N ARG A 100 0.63 4.41 4.83
CA ARG A 100 -0.63 4.92 4.29
C ARG A 100 -1.48 3.85 3.61
N MET A 101 -0.95 2.65 3.40
CA MET A 101 -1.70 1.63 2.68
C MET A 101 -2.84 1.08 3.53
N SER A 102 -3.88 0.62 2.85
CA SER A 102 -5.09 0.13 3.50
C SER A 102 -5.11 -1.38 3.67
N ILE A 103 -4.04 -2.08 3.31
CA ILE A 103 -3.99 -3.52 3.53
C ILE A 103 -3.96 -3.83 5.02
N TYR A 104 -3.30 -2.99 5.82
CA TYR A 104 -3.22 -3.19 7.26
C TYR A 104 -4.52 -2.87 7.98
N SER A 105 -5.51 -2.29 7.29
CA SER A 105 -6.76 -1.93 7.93
C SER A 105 -7.71 -3.11 8.12
N ASP A 106 -7.37 -4.28 7.58
CA ASP A 106 -8.17 -5.48 7.76
C ASP A 106 -7.86 -6.08 9.13
N LYS A 107 -8.79 -5.92 10.08
CA LYS A 107 -8.56 -6.38 11.45
C LYS A 107 -8.83 -7.87 11.59
N SER A 108 -8.26 -8.67 10.72
CA SER A 108 -8.35 -10.13 10.80
C SER A 108 -6.98 -10.80 10.75
N ILE A 109 -6.05 -10.26 9.96
CA ILE A 109 -4.70 -10.81 9.90
C ILE A 109 -3.69 -9.98 10.70
N HIS A 110 -4.00 -8.71 10.98
CA HIS A 110 -3.17 -7.85 11.81
C HIS A 110 -4.03 -7.40 12.99
N LEU A 111 -4.05 -8.22 14.05
CA LEU A 111 -4.89 -7.92 15.20
C LEU A 111 -4.30 -6.80 16.04
N SER A 112 -2.98 -6.67 16.09
CA SER A 112 -2.29 -5.67 16.90
C SER A 112 -1.59 -4.69 15.98
N PHE A 113 -2.28 -3.61 15.62
CA PHE A 113 -1.70 -2.59 14.76
C PHE A 113 -2.52 -1.31 14.88
N LEU A 114 -1.84 -0.17 14.87
CA LEU A 114 -2.49 1.13 14.94
C LEU A 114 -1.83 2.06 13.93
N ARG A 115 -2.48 3.19 13.67
CA ARG A 115 -2.01 4.14 12.69
C ARG A 115 -2.20 5.56 13.20
N THR A 116 -1.17 6.39 13.02
CA THR A 116 -1.26 7.80 13.36
C THR A 116 -1.74 8.65 12.18
N VAL A 117 -1.84 8.06 11.00
CA VAL A 117 -2.29 8.77 9.80
C VAL A 117 -3.39 7.97 9.13
N PRO A 118 -4.35 8.61 8.47
CA PRO A 118 -5.41 7.85 7.81
C PRO A 118 -4.87 7.05 6.65
N PRO A 119 -5.51 5.94 6.30
CA PRO A 119 -5.03 5.11 5.19
C PRO A 119 -5.30 5.78 3.84
N TYR A 120 -4.74 5.18 2.80
CA TYR A 120 -4.92 5.70 1.45
C TYR A 120 -6.37 5.61 1.00
N SER A 121 -7.12 4.65 1.54
CA SER A 121 -8.51 4.45 1.15
C SER A 121 -9.47 5.33 1.92
N HIS A 122 -8.99 6.15 2.85
CA HIS A 122 -9.86 7.00 3.65
C HIS A 122 -10.16 8.34 2.99
N GLN A 123 -9.59 8.62 1.83
CA GLN A 123 -9.91 9.85 1.10
C GLN A 123 -11.06 9.63 0.13
N SER A 124 -12.16 9.08 0.65
CA SER A 124 -13.36 8.86 -0.14
C SER A 124 -14.53 9.68 0.38
N SER A 125 -14.37 10.41 1.48
CA SER A 125 -15.39 11.31 1.97
C SER A 125 -15.24 12.72 1.42
N VAL A 126 -13.99 13.16 1.22
CA VAL A 126 -13.76 14.50 0.67
C VAL A 126 -14.39 14.62 -0.70
N TRP A 127 -14.29 13.57 -1.51
CA TRP A 127 -14.96 13.58 -2.81
C TRP A 127 -16.47 13.69 -2.66
N PHE A 128 -17.04 12.97 -1.69
CA PHE A 128 -18.48 13.06 -1.48
C PHE A 128 -18.90 14.47 -1.12
N GLU A 129 -18.17 15.11 -0.20
CA GLU A 129 -18.51 16.48 0.17
C GLU A 129 -18.31 17.46 -0.98
N MET A 130 -17.27 17.24 -1.79
CA MET A 130 -17.06 18.11 -2.96
C MET A 130 -18.21 17.98 -3.95
N MET A 131 -18.69 16.76 -4.20
CA MET A 131 -19.86 16.60 -5.06
C MET A 131 -21.09 17.24 -4.44
N ARG A 132 -21.25 17.12 -3.12
CA ARG A 132 -22.41 17.71 -2.46
C ARG A 132 -22.34 19.24 -2.43
N VAL A 133 -21.16 19.82 -2.63
CA VAL A 133 -21.01 21.28 -2.61
C VAL A 133 -21.15 21.87 -4.01
N TYR A 134 -20.51 21.25 -5.00
CA TYR A 134 -20.56 21.75 -6.37
C TYR A 134 -21.73 21.18 -7.17
N ASN A 135 -22.60 20.41 -6.53
CA ASN A 135 -23.84 19.90 -7.14
C ASN A 135 -23.53 19.02 -8.35
N TRP A 136 -22.78 17.95 -8.10
CA TRP A 136 -22.57 16.89 -9.09
C TRP A 136 -23.16 15.60 -8.54
N ASN A 137 -23.96 14.93 -9.38
CA ASN A 137 -24.65 13.71 -8.97
C ASN A 137 -24.29 12.50 -9.82
N HIS A 138 -23.35 12.62 -10.75
CA HIS A 138 -22.98 11.51 -11.62
C HIS A 138 -21.46 11.41 -11.66
N ILE A 139 -20.95 10.19 -11.46
CA ILE A 139 -19.51 9.92 -11.46
C ILE A 139 -19.25 8.71 -12.36
N ILE A 140 -17.98 8.56 -12.73
CA ILE A 140 -17.51 7.40 -13.48
C ILE A 140 -16.27 6.90 -12.76
N LEU A 141 -16.43 5.91 -11.88
CA LEU A 141 -15.30 5.43 -11.11
C LEU A 141 -14.36 4.62 -12.01
N LEU A 142 -13.06 4.82 -11.84
CA LEU A 142 -12.06 4.17 -12.67
C LEU A 142 -10.91 3.73 -11.77
N VAL A 143 -10.81 2.43 -11.52
CA VAL A 143 -9.86 1.89 -10.56
C VAL A 143 -9.08 0.74 -11.20
N SER A 144 -7.99 0.36 -10.54
CA SER A 144 -7.16 -0.76 -10.93
C SER A 144 -7.53 -1.99 -10.11
N ASP A 145 -7.42 -3.16 -10.74
CA ASP A 145 -7.78 -4.41 -10.09
C ASP A 145 -6.72 -4.75 -9.04
N ASP A 146 -7.00 -4.37 -7.80
CA ASP A 146 -6.08 -4.61 -6.68
C ASP A 146 -6.85 -4.45 -5.39
N HIS A 147 -6.20 -4.81 -4.28
CA HIS A 147 -6.82 -4.69 -2.98
C HIS A 147 -7.14 -3.23 -2.65
N GLU A 148 -6.23 -2.32 -2.98
CA GLU A 148 -6.45 -0.90 -2.70
C GLU A 148 -7.69 -0.39 -3.44
N GLY A 149 -7.76 -0.64 -4.74
CA GLY A 149 -8.91 -0.20 -5.51
C GLY A 149 -10.20 -0.86 -5.07
N ARG A 150 -10.14 -2.15 -4.73
CA ARG A 150 -11.33 -2.85 -4.25
C ARG A 150 -11.84 -2.23 -2.95
N ALA A 151 -10.94 -1.97 -2.01
CA ALA A 151 -11.34 -1.34 -0.75
C ALA A 151 -11.91 0.05 -0.98
N ALA A 152 -11.26 0.83 -1.85
CA ALA A 152 -11.73 2.18 -2.11
C ALA A 152 -13.13 2.17 -2.73
N GLN A 153 -13.36 1.30 -3.71
CA GLN A 153 -14.67 1.24 -4.35
C GLN A 153 -15.73 0.72 -3.39
N LYS A 154 -15.38 -0.24 -2.54
CA LYS A 154 -16.35 -0.74 -1.55
C LYS A 154 -16.75 0.36 -0.58
N ARG A 155 -15.77 1.11 -0.08
CA ARG A 155 -16.10 2.21 0.83
C ARG A 155 -16.93 3.27 0.13
N LEU A 156 -16.59 3.60 -1.12
CA LEU A 156 -17.33 4.62 -1.85
C LEU A 156 -18.78 4.20 -2.07
N GLU A 157 -19.01 2.93 -2.44
CA GLU A 157 -20.37 2.50 -2.70
C GLU A 157 -21.16 2.35 -1.41
N THR A 158 -20.51 1.93 -0.31
CA THR A 158 -21.21 1.91 0.97
C THR A 158 -21.63 3.31 1.39
N LEU A 159 -20.75 4.30 1.20
CA LEU A 159 -21.10 5.68 1.54
C LEU A 159 -22.23 6.19 0.64
N LEU A 160 -22.17 5.86 -0.65
CA LEU A 160 -23.15 6.38 -1.61
C LEU A 160 -24.49 5.68 -1.54
N GLU A 161 -24.55 4.50 -0.90
CA GLU A 161 -25.82 3.77 -0.81
C GLU A 161 -26.87 4.52 -0.01
N GLU A 162 -26.47 5.52 0.79
CA GLU A 162 -27.45 6.28 1.56
C GLU A 162 -28.39 7.05 0.65
N ARG A 163 -27.86 7.67 -0.40
CA ARG A 163 -28.68 8.46 -1.32
C ARG A 163 -29.45 7.61 -2.32
N GLU A 164 -29.21 6.30 -2.35
CA GLU A 164 -29.86 5.39 -3.30
C GLU A 164 -29.60 5.83 -4.74
N SER A 165 -28.39 6.32 -5.01
CA SER A 165 -27.97 6.74 -6.34
C SER A 165 -26.56 6.21 -6.55
N LYS A 166 -26.47 5.03 -7.15
CA LYS A 166 -25.18 4.36 -7.33
C LYS A 166 -24.33 5.09 -8.37
N ALA A 167 -23.05 4.76 -8.39
CA ALA A 167 -22.15 5.28 -9.41
C ALA A 167 -22.58 4.80 -10.78
N GLU A 168 -22.43 5.67 -11.79
CA GLU A 168 -22.91 5.32 -13.13
C GLU A 168 -22.19 4.10 -13.68
N LYS A 169 -20.87 4.03 -13.50
CA LYS A 169 -20.13 2.86 -13.94
C LYS A 169 -18.82 2.80 -13.16
N VAL A 170 -18.32 1.58 -12.98
CA VAL A 170 -17.03 1.32 -12.36
C VAL A 170 -16.20 0.52 -13.36
N LEU A 171 -15.07 1.09 -13.78
CA LEU A 171 -14.18 0.47 -14.75
C LEU A 171 -12.92 0.01 -14.04
N GLN A 172 -12.70 -1.31 -14.02
CA GLN A 172 -11.53 -1.90 -13.39
C GLN A 172 -10.54 -2.33 -14.46
N PHE A 173 -9.31 -1.85 -14.37
CA PHE A 173 -8.27 -2.23 -15.30
C PHE A 173 -7.15 -2.96 -14.56
N ASP A 174 -6.48 -3.85 -15.30
CA ASP A 174 -5.45 -4.69 -14.68
C ASP A 174 -4.27 -3.83 -14.23
N PRO A 175 -3.64 -4.17 -13.09
CA PRO A 175 -2.51 -3.39 -12.59
C PRO A 175 -1.25 -3.66 -13.40
N GLY A 176 -0.86 -2.68 -14.20
CA GLY A 176 0.34 -2.81 -15.02
C GLY A 176 0.05 -3.31 -16.42
N THR A 177 0.16 -2.43 -17.40
CA THR A 177 -0.12 -2.78 -18.79
C THR A 177 0.55 -1.73 -19.68
N LYS A 178 0.21 -1.78 -20.98
CA LYS A 178 0.76 -0.82 -21.93
C LYS A 178 -0.29 -0.25 -22.87
N ASN A 179 -1.56 -0.67 -22.78
CA ASN A 179 -2.60 -0.16 -23.65
C ASN A 179 -3.92 -0.19 -22.89
N VAL A 180 -4.43 0.98 -22.53
CA VAL A 180 -5.71 1.10 -21.84
C VAL A 180 -6.65 1.91 -22.73
N THR A 181 -6.46 1.79 -24.05
CA THR A 181 -7.25 2.60 -24.98
C THR A 181 -8.70 2.14 -25.01
N ALA A 182 -8.94 0.83 -24.92
CA ALA A 182 -10.30 0.31 -25.03
C ALA A 182 -11.18 0.80 -23.89
N LEU A 183 -10.66 0.77 -22.66
CA LEU A 183 -11.46 1.20 -21.51
C LEU A 183 -11.83 2.67 -21.62
N LEU A 184 -10.86 3.51 -21.98
CA LEU A 184 -11.14 4.94 -22.11
C LEU A 184 -12.11 5.21 -23.26
N MET A 185 -11.95 4.50 -24.38
CA MET A 185 -12.87 4.69 -25.50
C MET A 185 -14.28 4.30 -25.11
N GLU A 186 -14.44 3.21 -24.34
CA GLU A 186 -15.75 2.83 -23.86
C GLU A 186 -16.33 3.86 -22.90
N ALA A 187 -15.49 4.37 -21.97
CA ALA A 187 -15.97 5.26 -20.92
C ALA A 187 -16.10 6.70 -21.37
N ARG A 188 -15.67 7.04 -22.59
CA ARG A 188 -15.71 8.42 -23.04
C ARG A 188 -17.13 8.98 -23.07
N GLU A 189 -18.09 8.18 -23.52
CA GLU A 189 -19.39 8.71 -23.96
C GLU A 189 -20.55 7.92 -23.36
N LEU A 190 -20.56 7.69 -22.05
CA LEU A 190 -21.76 7.07 -21.50
C LEU A 190 -22.84 8.12 -21.25
N GLU A 191 -22.68 8.90 -20.18
CA GLU A 191 -23.45 10.13 -20.05
C GLU A 191 -22.75 11.19 -19.21
N ALA A 192 -21.58 10.93 -18.65
CA ALA A 192 -21.09 11.67 -17.49
C ALA A 192 -19.71 12.28 -17.76
N ARG A 193 -19.38 13.27 -16.94
CA ARG A 193 -18.15 14.03 -17.08
C ARG A 193 -17.19 13.86 -15.91
N VAL A 194 -17.70 13.85 -14.68
CA VAL A 194 -16.85 13.77 -13.50
C VAL A 194 -16.18 12.39 -13.47
N ILE A 195 -14.86 12.36 -13.59
CA ILE A 195 -14.10 11.12 -13.59
C ILE A 195 -13.24 11.08 -12.33
N ILE A 196 -13.33 10.00 -11.59
CA ILE A 196 -12.58 9.81 -10.34
C ILE A 196 -11.57 8.69 -10.58
N LEU A 197 -10.29 9.00 -10.39
CA LEU A 197 -9.21 8.08 -10.70
C LEU A 197 -8.46 7.72 -9.42
N SER A 198 -8.09 6.45 -9.29
CA SER A 198 -7.31 5.99 -8.14
C SER A 198 -6.55 4.75 -8.54
N ALA A 199 -5.23 4.88 -8.70
CA ALA A 199 -4.38 3.76 -9.09
C ALA A 199 -2.94 4.11 -8.74
N SER A 200 -2.01 3.24 -9.13
CA SER A 200 -0.60 3.50 -8.91
C SER A 200 -0.12 4.61 -9.86
N GLU A 201 0.84 5.40 -9.38
CA GLU A 201 1.36 6.51 -10.18
C GLU A 201 2.01 6.01 -11.46
N ASP A 202 2.82 4.97 -11.36
CA ASP A 202 3.45 4.40 -12.55
C ASP A 202 2.42 3.79 -13.50
N ASP A 203 1.24 3.44 -13.00
CA ASP A 203 0.14 3.00 -13.86
C ASP A 203 -0.77 4.16 -14.26
N ALA A 204 -0.84 5.21 -13.46
CA ALA A 204 -1.63 6.38 -13.82
C ALA A 204 -0.98 7.21 -14.92
N ALA A 205 0.35 7.13 -15.05
CA ALA A 205 1.02 7.85 -16.13
C ALA A 205 0.54 7.36 -17.50
N THR A 206 0.38 6.05 -17.65
CA THR A 206 -0.13 5.51 -18.91
C THR A 206 -1.54 6.00 -19.20
N VAL A 207 -2.40 6.04 -18.18
CA VAL A 207 -3.76 6.54 -18.37
C VAL A 207 -3.74 8.01 -18.77
N TYR A 208 -2.89 8.81 -18.12
CA TYR A 208 -2.79 10.22 -18.49
C TYR A 208 -2.32 10.39 -19.92
N ARG A 209 -1.33 9.59 -20.34
CA ARG A 209 -0.86 9.68 -21.72
C ARG A 209 -1.95 9.27 -22.71
N ALA A 210 -2.71 8.21 -22.39
CA ALA A 210 -3.72 7.72 -23.30
C ALA A 210 -4.88 8.71 -23.42
N ALA A 211 -5.27 9.34 -22.31
CA ALA A 211 -6.41 10.25 -22.33
C ALA A 211 -6.14 11.50 -23.17
N ALA A 212 -4.87 11.86 -23.38
CA ALA A 212 -4.55 13.02 -24.20
C ALA A 212 -4.85 12.77 -25.68
N MET A 213 -4.64 11.53 -26.15
CA MET A 213 -4.84 11.23 -27.56
C MET A 213 -6.32 11.22 -27.94
N LEU A 214 -7.19 10.92 -26.99
CA LEU A 214 -8.63 10.80 -27.26
C LEU A 214 -9.39 12.11 -27.10
N ASP A 215 -8.69 13.21 -26.79
CA ASP A 215 -9.31 14.53 -26.64
C ASP A 215 -10.41 14.51 -25.59
N MET A 216 -10.18 13.78 -24.50
CA MET A 216 -11.10 13.72 -23.39
C MET A 216 -10.77 14.74 -22.30
N THR A 217 -9.67 15.47 -22.45
CA THR A 217 -9.23 16.46 -21.47
C THR A 217 -9.60 17.87 -21.86
N GLY A 218 -10.51 18.05 -22.82
CA GLY A 218 -10.92 19.36 -23.25
C GLY A 218 -11.84 20.05 -22.25
N SER A 219 -12.60 21.04 -22.72
CA SER A 219 -13.50 21.75 -21.83
C SER A 219 -14.65 20.86 -21.39
N GLY A 220 -15.23 21.21 -20.24
CA GLY A 220 -16.37 20.50 -19.68
C GLY A 220 -16.04 19.38 -18.71
N TYR A 221 -15.15 18.48 -19.10
CA TYR A 221 -14.82 17.34 -18.26
C TYR A 221 -14.14 17.81 -16.96
N VAL A 222 -14.39 17.07 -15.89
CA VAL A 222 -13.83 17.37 -14.58
C VAL A 222 -13.08 16.15 -14.07
N TRP A 223 -11.85 16.35 -13.63
CA TRP A 223 -11.01 15.27 -13.11
C TRP A 223 -10.90 15.36 -11.59
N LEU A 224 -10.73 14.21 -10.97
CA LEU A 224 -10.50 14.12 -9.53
C LEU A 224 -9.53 12.97 -9.28
N VAL A 225 -8.60 13.17 -8.36
CA VAL A 225 -7.57 12.18 -8.06
C VAL A 225 -7.36 12.13 -6.55
N GLY A 226 -6.43 11.27 -6.14
CA GLY A 226 -6.07 11.14 -4.73
C GLY A 226 -4.79 11.88 -4.40
N GLU A 227 -3.78 11.14 -3.96
CA GLU A 227 -2.48 11.73 -3.65
C GLU A 227 -1.33 11.10 -4.40
N ARG A 228 -1.46 9.84 -4.85
CA ARG A 228 -0.39 9.21 -5.60
C ARG A 228 -0.30 9.73 -7.03
N GLU A 229 -1.37 10.32 -7.56
CA GLU A 229 -1.37 10.81 -8.93
C GLU A 229 -0.80 12.22 -9.06
N ILE A 230 -0.47 12.87 -7.95
CA ILE A 230 0.10 14.21 -7.98
C ILE A 230 1.61 14.19 -7.74
N SER A 231 2.05 13.37 -6.78
CA SER A 231 3.47 13.25 -6.51
C SER A 231 4.13 12.27 -7.49
N GLY A 232 5.46 12.26 -7.48
CA GLY A 232 6.20 11.37 -8.36
C GLY A 232 6.37 11.96 -9.75
N ASN A 233 6.43 11.06 -10.74
CA ASN A 233 6.62 11.44 -12.13
C ASN A 233 5.30 11.67 -12.87
N ALA A 234 4.17 11.62 -12.17
CA ALA A 234 2.88 11.80 -12.81
C ALA A 234 2.62 13.23 -13.26
N LEU A 235 3.55 14.15 -13.03
CA LEU A 235 3.42 15.52 -13.50
C LEU A 235 3.99 15.71 -14.90
N ARG A 236 4.59 14.67 -15.49
CA ARG A 236 5.01 14.77 -16.89
C ARG A 236 3.82 14.97 -17.81
N TYR A 237 2.75 14.23 -17.58
CA TYR A 237 1.56 14.27 -18.42
C TYR A 237 0.34 14.43 -17.50
N ALA A 238 -0.25 15.62 -17.51
CA ALA A 238 -1.41 15.88 -16.67
C ALA A 238 -2.14 17.13 -17.18
N PRO A 239 -3.46 17.06 -17.37
CA PRO A 239 -4.18 18.24 -17.86
C PRO A 239 -4.42 19.23 -16.73
N ASP A 240 -4.19 20.51 -17.04
CA ASP A 240 -4.36 21.56 -16.05
C ASP A 240 -5.82 21.62 -15.60
N GLY A 241 -6.02 21.94 -14.33
CA GLY A 241 -7.33 21.91 -13.72
C GLY A 241 -7.64 20.66 -12.93
N ILE A 242 -6.73 19.69 -12.90
CA ILE A 242 -6.92 18.47 -12.14
C ILE A 242 -6.91 18.82 -10.66
N ILE A 243 -7.97 18.45 -9.95
CA ILE A 243 -8.11 18.79 -8.53
C ILE A 243 -7.61 17.60 -7.71
N GLY A 244 -6.71 17.89 -6.75
CA GLY A 244 -6.11 16.85 -5.95
C GLY A 244 -6.18 17.17 -4.47
N LEU A 245 -5.92 16.13 -3.67
CA LEU A 245 -5.95 16.20 -2.22
C LEU A 245 -4.55 15.97 -1.66
N GLN A 246 -4.25 16.62 -0.55
CA GLN A 246 -2.97 16.45 0.12
C GLN A 246 -3.16 16.46 1.63
N LEU A 247 -2.31 15.71 2.33
CA LEU A 247 -2.30 15.72 3.78
C LEU A 247 -1.45 16.88 4.28
N ILE A 248 -1.94 17.57 5.32
CA ILE A 248 -1.28 18.79 5.78
C ILE A 248 0.09 18.46 6.37
N ASN A 249 0.18 17.43 7.20
CA ASN A 249 1.40 17.10 7.92
C ASN A 249 1.79 15.66 7.68
N GLY A 250 1.79 15.24 6.42
CA GLY A 250 2.13 13.87 6.07
C GLY A 250 3.61 13.56 5.99
N LYS A 251 4.47 14.57 6.05
CA LYS A 251 5.90 14.39 5.94
C LYS A 251 6.67 14.73 7.22
N ASN A 252 6.26 15.78 7.92
CA ASN A 252 6.97 16.21 9.13
C ASN A 252 6.70 15.20 10.23
N GLU A 253 7.67 14.31 10.47
CA GLU A 253 7.48 13.22 11.43
C GLU A 253 7.74 13.62 12.87
N SER A 254 8.26 14.82 13.12
CA SER A 254 8.49 15.26 14.50
C SER A 254 7.17 15.41 15.25
N ALA A 255 6.18 16.05 14.62
CA ALA A 255 4.88 16.20 15.27
C ALA A 255 4.23 14.84 15.49
N HIS A 256 4.35 13.95 14.51
CA HIS A 256 3.77 12.61 14.65
C HIS A 256 4.41 11.84 15.80
N ILE A 257 5.74 11.90 15.92
CA ILE A 257 6.41 11.19 16.99
C ILE A 257 6.06 11.80 18.34
N SER A 258 5.91 13.13 18.39
CA SER A 258 5.52 13.78 19.65
C SER A 258 4.13 13.32 20.07
N ASP A 259 3.17 13.33 19.15
CA ASP A 259 1.82 12.89 19.49
C ASP A 259 1.78 11.42 19.87
N ALA A 260 2.54 10.59 19.15
CA ALA A 260 2.57 9.16 19.45
C ALA A 260 3.14 8.91 20.84
N VAL A 261 4.24 9.56 21.18
CA VAL A 261 4.84 9.35 22.50
C VAL A 261 3.91 9.88 23.59
N GLY A 262 3.21 10.99 23.32
CA GLY A 262 2.27 11.51 24.30
C GLY A 262 1.13 10.55 24.57
N VAL A 263 0.52 10.02 23.50
CA VAL A 263 -0.62 9.13 23.68
C VAL A 263 -0.18 7.81 24.31
N VAL A 264 1.02 7.32 23.94
CA VAL A 264 1.50 6.07 24.54
C VAL A 264 1.79 6.28 26.02
N ALA A 265 2.40 7.41 26.39
CA ALA A 265 2.66 7.69 27.79
C ALA A 265 1.36 7.80 28.58
N GLN A 266 0.35 8.48 28.02
CA GLN A 266 -0.93 8.58 28.71
C GLN A 266 -1.57 7.21 28.89
N ALA A 267 -1.52 6.37 27.86
CA ALA A 267 -2.09 5.03 27.97
C ALA A 267 -1.39 4.20 29.03
N VAL A 268 -0.05 4.24 29.05
CA VAL A 268 0.69 3.45 30.03
C VAL A 268 0.49 4.00 31.43
N HIS A 269 0.23 5.30 31.56
CA HIS A 269 -0.12 5.86 32.86
C HIS A 269 -1.51 5.39 33.30
N GLU A 270 -2.44 5.28 32.36
CA GLU A 270 -3.81 4.92 32.70
C GLU A 270 -3.93 3.44 33.06
N LEU A 271 -3.20 2.57 32.35
CA LEU A 271 -3.37 1.14 32.56
C LEU A 271 -2.91 0.70 33.94
N LEU A 272 -1.80 1.27 34.43
CA LEU A 272 -1.19 0.76 35.65
C LEU A 272 -2.07 0.93 36.87
N GLU A 273 -3.10 1.78 36.80
CA GLU A 273 -4.03 1.95 37.91
C GLU A 273 -4.94 0.74 38.09
N LYS A 274 -5.00 -0.16 37.12
CA LYS A 274 -5.86 -1.34 37.21
C LYS A 274 -5.12 -2.43 37.99
N GLU A 275 -5.69 -3.64 37.99
CA GLU A 275 -5.13 -4.78 38.70
C GLU A 275 -5.13 -5.99 37.78
N ASN A 276 -4.57 -7.10 38.29
CA ASN A 276 -4.48 -8.36 37.57
C ASN A 276 -3.74 -8.18 36.24
N ILE A 277 -2.47 -7.79 36.36
CA ILE A 277 -1.61 -7.55 35.21
C ILE A 277 -0.44 -8.53 35.25
N THR A 278 0.17 -8.71 34.08
CA THR A 278 1.32 -9.60 33.94
C THR A 278 2.31 -8.98 32.96
N ASP A 279 3.59 -9.04 33.30
CA ASP A 279 4.62 -8.48 32.44
C ASP A 279 4.71 -9.28 31.14
N PRO A 280 4.96 -8.62 30.02
CA PRO A 280 5.08 -9.32 28.74
C PRO A 280 6.32 -10.21 28.72
N PRO A 281 6.33 -11.23 27.87
CA PRO A 281 7.50 -12.12 27.80
C PRO A 281 8.76 -11.35 27.43
N ARG A 282 9.88 -11.77 28.01
CA ARG A 282 11.17 -11.12 27.82
C ARG A 282 12.15 -11.97 27.00
N GLY A 283 11.64 -12.86 26.16
CA GLY A 283 12.51 -13.67 25.34
C GLY A 283 11.94 -14.02 23.97
N CYS A 284 12.68 -13.68 22.90
CA CYS A 284 12.30 -14.12 21.58
C CYS A 284 12.62 -15.60 21.36
N VAL A 285 13.53 -16.16 22.15
CA VAL A 285 13.98 -17.55 21.99
C VAL A 285 13.43 -18.44 23.10
N GLY A 286 13.63 -18.08 24.36
CA GLY A 286 13.30 -18.97 25.45
C GLY A 286 11.81 -19.23 25.60
N ASN A 287 11.00 -18.19 25.51
CA ASN A 287 9.57 -18.31 25.78
C ASN A 287 8.82 -18.63 24.51
N THR A 288 7.74 -19.41 24.66
CA THR A 288 6.88 -19.82 23.55
C THR A 288 5.42 -19.66 23.95
N ASN A 289 5.09 -18.51 24.52
CA ASN A 289 3.75 -18.27 25.06
C ASN A 289 3.30 -16.87 24.65
N ILE A 290 2.26 -16.37 25.32
CA ILE A 290 1.55 -15.16 24.90
C ILE A 290 1.73 -14.10 25.98
N TRP A 291 1.12 -12.93 25.77
CA TRP A 291 1.24 -11.78 26.65
C TRP A 291 -0.14 -11.36 27.13
N LYS A 292 -0.88 -12.33 27.70
CA LYS A 292 -2.32 -12.29 27.93
C LYS A 292 -2.88 -10.92 28.26
N THR A 293 -2.21 -10.16 29.13
CA THR A 293 -2.68 -8.81 29.41
C THR A 293 -2.24 -7.85 28.32
N GLY A 294 -2.46 -8.22 27.06
CA GLY A 294 -2.16 -7.37 25.93
C GLY A 294 -3.37 -6.68 25.32
N PRO A 295 -4.43 -7.44 25.03
CA PRO A 295 -5.63 -6.82 24.43
C PRO A 295 -6.27 -5.74 25.30
N LEU A 296 -6.13 -5.85 26.63
CA LEU A 296 -6.67 -4.80 27.49
C LEU A 296 -5.95 -3.48 27.24
N PHE A 297 -4.64 -3.53 27.03
CA PHE A 297 -3.89 -2.32 26.70
C PHE A 297 -4.38 -1.72 25.38
N LYS A 298 -4.61 -2.56 24.38
CA LYS A 298 -5.13 -2.06 23.11
C LYS A 298 -6.51 -1.43 23.28
N ARG A 299 -7.37 -2.05 24.08
CA ARG A 299 -8.71 -1.52 24.29
C ARG A 299 -8.66 -0.17 25.00
N VAL A 300 -7.81 -0.04 26.02
CA VAL A 300 -7.70 1.23 26.73
C VAL A 300 -7.00 2.28 25.87
N LEU A 301 -6.18 1.85 24.91
CA LEU A 301 -5.55 2.79 23.99
C LEU A 301 -6.52 3.27 22.92
N MET A 302 -7.48 2.44 22.53
CA MET A 302 -8.40 2.80 21.45
C MET A 302 -9.23 4.03 21.82
N SER A 303 -9.67 4.11 23.07
CA SER A 303 -10.48 5.23 23.54
C SER A 303 -9.64 6.33 24.17
N SER A 304 -8.35 6.40 23.85
CA SER A 304 -7.46 7.41 24.43
C SER A 304 -7.65 8.72 23.66
N LYS A 305 -8.74 9.40 23.99
CA LYS A 305 -9.07 10.68 23.36
C LYS A 305 -8.13 11.75 23.90
N TYR A 306 -7.13 12.12 23.10
CA TYR A 306 -6.19 13.15 23.51
C TYR A 306 -6.88 14.50 23.61
N ALA A 307 -6.40 15.33 24.54
CA ALA A 307 -6.98 16.64 24.74
C ALA A 307 -6.62 17.59 23.61
N ASP A 308 -5.33 17.85 23.44
CA ASP A 308 -4.86 18.74 22.39
C ASP A 308 -3.39 18.45 22.09
N GLY A 309 -2.94 18.92 20.95
CA GLY A 309 -1.57 18.69 20.54
C GLY A 309 -1.20 19.52 19.33
N VAL A 310 -0.02 19.24 18.80
CA VAL A 310 0.46 19.97 17.63
C VAL A 310 -0.40 19.65 16.41
N THR A 311 -0.86 18.41 16.30
CA THR A 311 -1.68 17.97 15.17
C THR A 311 -3.17 17.98 15.50
N GLY A 312 -3.61 18.89 16.36
CA GLY A 312 -5.01 18.97 16.72
C GLY A 312 -5.44 17.81 17.61
N ARG A 313 -6.76 17.65 17.69
CA ARG A 313 -7.33 16.56 18.47
C ARG A 313 -6.98 15.22 17.85
N VAL A 314 -6.74 14.23 18.71
CA VAL A 314 -6.36 12.89 18.30
C VAL A 314 -7.37 11.90 18.88
N GLU A 315 -7.89 11.02 18.03
CA GLU A 315 -8.82 9.99 18.45
C GLU A 315 -8.54 8.73 17.65
N PHE A 316 -9.41 7.73 17.80
CA PHE A 316 -9.24 6.45 17.13
C PHE A 316 -10.60 5.83 16.89
N ASN A 317 -10.63 4.87 15.98
CA ASN A 317 -11.79 4.02 15.74
C ASN A 317 -11.45 2.57 16.04
N GLU A 318 -12.46 1.71 15.92
CA GLU A 318 -12.24 0.29 16.10
C GLU A 318 -11.78 -0.32 14.79
N ASP A 319 -10.80 0.33 14.15
CA ASP A 319 -10.19 -0.20 12.94
C ASP A 319 -8.70 0.08 12.86
N GLY A 320 -8.10 0.67 13.89
CA GLY A 320 -6.71 1.08 13.83
C GLY A 320 -6.43 2.22 12.89
N ASP A 321 -7.29 3.24 12.86
CA ASP A 321 -7.11 4.40 12.00
C ASP A 321 -7.49 5.66 12.74
N ARG A 322 -6.72 6.72 12.49
CA ARG A 322 -6.98 8.01 13.12
C ARG A 322 -8.19 8.69 12.49
N LYS A 323 -8.98 9.39 13.32
CA LYS A 323 -10.05 10.26 12.88
C LYS A 323 -9.65 11.72 12.90
N PHE A 324 -10.53 12.55 12.35
CA PHE A 324 -10.44 14.01 12.39
C PHE A 324 -9.15 14.49 11.72
N ALA A 325 -9.01 14.09 10.46
CA ALA A 325 -7.87 14.44 9.65
C ALA A 325 -8.07 15.80 9.00
N GLN A 326 -6.96 16.39 8.56
CA GLN A 326 -6.97 17.70 7.92
C GLN A 326 -6.46 17.53 6.50
N TYR A 327 -7.25 17.98 5.53
CA TYR A 327 -6.94 17.80 4.13
C TYR A 327 -6.90 19.14 3.41
N SER A 328 -6.02 19.26 2.43
CA SER A 328 -5.89 20.45 1.61
C SER A 328 -6.26 20.09 0.18
N ILE A 329 -7.17 20.87 -0.40
CA ILE A 329 -7.66 20.64 -1.75
C ILE A 329 -6.98 21.65 -2.66
N MET A 330 -6.14 21.17 -3.57
CA MET A 330 -5.32 22.04 -4.40
C MET A 330 -5.55 21.75 -5.87
N ASN A 331 -5.36 22.78 -6.69
CA ASN A 331 -5.56 22.72 -8.13
C ASN A 331 -4.22 22.93 -8.84
N LEU A 332 -4.07 22.27 -9.98
CA LEU A 332 -2.84 22.33 -10.76
C LEU A 332 -3.02 23.33 -11.89
N GLN A 333 -2.44 24.51 -11.74
CA GLN A 333 -2.54 25.58 -12.72
C GLN A 333 -1.18 25.80 -13.37
N ASN A 334 -1.10 25.59 -14.69
CA ASN A 334 0.10 25.83 -15.48
C ASN A 334 1.31 25.14 -14.86
N ARG A 335 1.19 23.83 -14.65
CA ARG A 335 2.25 22.98 -14.11
C ARG A 335 2.75 23.44 -12.75
N LYS A 336 1.92 24.17 -12.00
CA LYS A 336 2.31 24.67 -10.69
C LYS A 336 1.15 24.48 -9.72
N LEU A 337 1.38 23.71 -8.66
CA LEU A 337 0.35 23.45 -7.67
C LEU A 337 0.08 24.70 -6.83
N VAL A 338 -1.16 24.81 -6.34
CA VAL A 338 -1.55 25.90 -5.47
C VAL A 338 -2.78 25.49 -4.65
N GLN A 339 -2.73 25.75 -3.35
CA GLN A 339 -3.83 25.39 -2.47
C GLN A 339 -5.03 26.31 -2.71
N VAL A 340 -6.23 25.72 -2.72
CA VAL A 340 -7.42 26.49 -3.03
C VAL A 340 -8.54 26.23 -2.02
N GLY A 341 -8.40 25.19 -1.21
CA GLY A 341 -9.44 24.91 -0.23
C GLY A 341 -8.92 24.06 0.90
N ILE A 342 -9.68 24.07 2.00
CA ILE A 342 -9.31 23.29 3.18
C ILE A 342 -10.51 22.44 3.59
N TYR A 343 -10.22 21.32 4.26
CA TYR A 343 -11.26 20.41 4.74
C TYR A 343 -10.83 19.89 6.10
N ASN A 344 -11.63 20.19 7.13
CA ASN A 344 -11.28 19.90 8.51
C ASN A 344 -12.24 18.91 9.15
N GLY A 345 -12.65 17.89 8.40
CA GLY A 345 -13.68 16.96 8.84
C GLY A 345 -15.09 17.48 8.68
N THR A 346 -15.25 18.80 8.75
CA THR A 346 -16.54 19.46 8.53
C THR A 346 -16.69 19.78 7.04
N HIS A 347 -17.66 20.64 6.72
CA HIS A 347 -17.86 21.07 5.34
C HIS A 347 -16.60 21.76 4.82
N VAL A 348 -16.37 21.60 3.51
CA VAL A 348 -15.17 22.12 2.88
C VAL A 348 -15.21 23.65 2.87
N ILE A 349 -14.14 24.28 3.34
CA ILE A 349 -14.04 25.73 3.39
C ILE A 349 -13.22 26.20 2.18
N PRO A 350 -13.81 26.97 1.27
CA PRO A 350 -13.04 27.47 0.13
C PRO A 350 -12.20 28.68 0.49
N ASN A 351 -11.08 28.81 -0.18
CA ASN A 351 -10.17 29.93 0.01
C ASN A 351 -10.59 31.08 -0.90
N ASP A 352 -9.75 32.11 -1.01
CA ASP A 352 -10.04 33.28 -1.84
C ASP A 352 -9.39 33.19 -3.21
N ARG A 353 -9.32 32.00 -3.78
CA ARG A 353 -8.75 31.78 -5.11
C ARG A 353 -9.80 31.16 -6.01
N LYS A 354 -9.82 31.59 -7.27
CA LYS A 354 -10.74 31.06 -8.26
C LYS A 354 -10.04 29.94 -9.04
N ILE A 355 -10.59 28.72 -8.94
CA ILE A 355 -9.98 27.59 -9.61
C ILE A 355 -10.09 27.74 -11.13
N ILE A 356 -9.29 26.97 -11.84
CA ILE A 356 -9.29 26.93 -13.30
C ILE A 356 -9.73 25.54 -13.71
N TRP A 357 -10.90 25.44 -14.33
CA TRP A 357 -11.43 24.15 -14.72
C TRP A 357 -10.75 23.64 -16.00
N PRO A 358 -10.70 22.33 -16.20
CA PRO A 358 -9.90 21.79 -17.31
C PRO A 358 -10.34 22.33 -18.65
N GLY A 359 -9.36 22.53 -19.54
CA GLY A 359 -9.61 23.13 -20.83
C GLY A 359 -9.68 24.65 -20.82
N GLY A 360 -9.32 25.29 -19.72
CA GLY A 360 -9.45 26.73 -19.62
C GLY A 360 -10.85 27.13 -19.18
N GLU A 361 -11.10 28.44 -19.23
CA GLU A 361 -12.38 29.05 -18.90
C GLU A 361 -12.69 28.96 -17.42
N THR A 362 -13.37 29.95 -16.87
CA THR A 362 -13.70 30.01 -15.45
C THR A 362 -15.22 29.97 -15.31
N GLU A 363 -15.77 28.76 -15.25
CA GLU A 363 -17.20 28.56 -15.03
C GLU A 363 -17.41 27.11 -14.62
N LYS A 364 -18.05 26.91 -13.46
CA LYS A 364 -18.29 25.58 -12.91
C LYS A 364 -19.04 24.72 -13.92
N PRO A 365 -18.39 23.68 -14.45
CA PRO A 365 -19.08 22.83 -15.44
C PRO A 365 -20.26 22.11 -14.83
N ARG A 366 -21.30 21.93 -15.63
CA ARG A 366 -22.47 21.18 -15.18
C ARG A 366 -22.15 19.70 -15.01
N GLY A 367 -21.28 19.16 -15.85
CA GLY A 367 -20.89 17.77 -15.75
C GLY A 367 -21.85 16.79 -16.39
N TYR A 368 -22.91 17.27 -17.03
CA TYR A 368 -23.91 16.41 -17.64
C TYR A 368 -24.31 16.96 -19.00
N GLN A 369 -24.48 16.06 -19.97
CA GLN A 369 -24.90 16.45 -21.31
C GLN A 369 -26.27 15.87 -21.63
N SER B 1 18.94 -35.58 -7.40
CA SER B 1 19.74 -34.37 -7.27
C SER B 1 18.90 -33.22 -6.73
N ILE B 2 17.64 -33.51 -6.42
CA ILE B 2 16.71 -32.51 -5.90
C ILE B 2 16.65 -32.71 -4.38
N GLY B 3 17.51 -31.98 -3.67
CA GLY B 3 17.66 -32.15 -2.24
C GLY B 3 16.44 -31.81 -1.42
N ILE B 4 16.02 -32.73 -0.56
CA ILE B 4 14.78 -32.62 0.20
C ILE B 4 15.11 -32.63 1.69
N ALA B 5 14.53 -31.69 2.43
CA ALA B 5 14.73 -31.57 3.87
C ALA B 5 13.38 -31.73 4.59
N VAL B 6 13.44 -32.29 5.80
CA VAL B 6 12.28 -32.56 6.62
C VAL B 6 12.53 -32.01 8.02
N ILE B 7 11.52 -31.37 8.59
CA ILE B 7 11.61 -30.75 9.92
C ILE B 7 10.64 -31.45 10.85
N LEU B 8 11.09 -31.71 12.08
CA LEU B 8 10.28 -32.36 13.10
C LEU B 8 10.32 -31.55 14.38
N VAL B 9 9.16 -31.39 15.01
CA VAL B 9 9.04 -30.62 16.26
C VAL B 9 8.42 -31.51 17.32
N GLY B 10 7.64 -32.50 16.90
CA GLY B 10 6.93 -33.37 17.82
C GLY B 10 7.74 -34.47 18.44
N THR B 11 9.02 -34.58 18.10
CA THR B 11 9.92 -35.61 18.63
C THR B 11 9.32 -37.00 18.48
N SER B 12 8.76 -37.27 17.30
CA SER B 12 8.21 -38.58 17.00
C SER B 12 9.35 -39.52 16.59
N ASP B 13 9.01 -40.69 16.07
CA ASP B 13 10.02 -41.62 15.59
C ASP B 13 10.75 -41.03 14.39
N GLU B 14 12.06 -41.23 14.36
CA GLU B 14 12.90 -40.76 13.25
C GLU B 14 13.58 -41.90 12.52
N VAL B 15 14.28 -42.78 13.23
CA VAL B 15 14.96 -43.90 12.59
C VAL B 15 13.93 -44.89 12.03
N ALA B 16 12.80 -45.05 12.72
CA ALA B 16 11.77 -45.98 12.25
C ALA B 16 11.21 -45.55 10.90
N ILE B 17 10.99 -44.25 10.71
CA ILE B 17 10.49 -43.72 9.44
C ILE B 17 11.71 -43.45 8.58
N LYS B 18 12.17 -44.50 7.91
CA LYS B 18 13.31 -44.41 7.00
C LYS B 18 13.11 -45.15 5.69
N ASP B 19 12.24 -46.16 5.65
CA ASP B 19 12.05 -46.94 4.43
C ASP B 19 11.25 -46.20 3.37
N ALA B 20 10.41 -45.24 3.77
CA ALA B 20 9.55 -44.55 2.82
C ALA B 20 10.37 -43.78 1.79
N HIS B 21 11.44 -43.11 2.22
CA HIS B 21 12.28 -42.33 1.34
C HIS B 21 13.52 -43.09 0.87
N GLU B 22 13.65 -44.37 1.23
CA GLU B 22 14.80 -45.17 0.86
C GLU B 22 14.45 -46.32 -0.08
N LYS B 23 13.48 -47.16 0.29
CA LYS B 23 13.13 -48.32 -0.51
C LYS B 23 12.18 -47.99 -1.65
N ASP B 24 11.72 -46.75 -1.76
CA ASP B 24 10.81 -46.35 -2.84
C ASP B 24 11.62 -46.19 -4.12
N ASP B 25 11.52 -47.18 -5.00
CA ASP B 25 12.23 -47.15 -6.28
C ASP B 25 11.34 -46.42 -7.29
N PHE B 26 11.67 -45.17 -7.58
CA PHE B 26 10.88 -44.33 -8.47
C PHE B 26 11.21 -44.70 -9.91
N HIS B 27 10.61 -45.80 -10.37
CA HIS B 27 10.81 -46.23 -11.75
C HIS B 27 10.19 -45.25 -12.74
N HIS B 28 9.04 -44.68 -12.39
CA HIS B 28 8.36 -43.73 -13.27
C HIS B 28 8.90 -42.31 -13.16
N LEU B 29 9.91 -42.08 -12.33
CA LEU B 29 10.45 -40.75 -12.11
C LEU B 29 11.96 -40.78 -12.39
N SER B 30 12.50 -39.61 -12.72
CA SER B 30 13.89 -39.47 -13.12
C SER B 30 14.56 -38.31 -12.39
N VAL B 31 14.38 -38.25 -11.07
CA VAL B 31 15.00 -37.19 -10.27
C VAL B 31 15.82 -37.73 -9.11
N VAL B 32 15.60 -38.96 -8.66
CA VAL B 32 16.31 -39.63 -7.56
C VAL B 32 16.66 -38.66 -6.44
N PRO B 33 15.69 -38.14 -5.71
CA PRO B 33 15.99 -37.14 -4.68
C PRO B 33 16.69 -37.74 -3.48
N ARG B 34 17.40 -36.88 -2.76
CA ARG B 34 17.97 -37.23 -1.46
C ARG B 34 16.96 -36.90 -0.37
N VAL B 35 17.33 -37.16 0.87
CA VAL B 35 16.45 -36.89 2.00
C VAL B 35 17.27 -36.62 3.26
N GLU B 36 16.97 -35.53 3.95
CA GLU B 36 17.61 -35.20 5.21
C GLU B 36 16.52 -34.84 6.22
N LEU B 37 16.77 -35.14 7.49
CA LEU B 37 15.81 -34.89 8.55
C LEU B 37 16.49 -34.16 9.70
N VAL B 38 15.79 -33.16 10.25
CA VAL B 38 16.22 -32.45 11.44
C VAL B 38 15.07 -32.43 12.44
N ALA B 39 15.35 -32.87 13.67
CA ALA B 39 14.36 -32.88 14.75
C ALA B 39 14.81 -31.92 15.84
N MET B 40 13.89 -31.08 16.31
CA MET B 40 14.20 -30.11 17.34
C MET B 40 12.93 -29.78 18.11
N ASN B 41 13.08 -28.96 19.15
CA ASN B 41 11.97 -28.46 19.95
C ASN B 41 11.76 -26.97 19.71
N GLU B 42 11.92 -26.55 18.46
CA GLU B 42 11.90 -25.14 18.11
C GLU B 42 10.47 -24.70 17.78
N THR B 43 9.95 -23.76 18.58
CA THR B 43 8.66 -23.14 18.30
C THR B 43 8.72 -21.63 18.24
N ASP B 44 9.77 -21.00 18.78
CA ASP B 44 9.89 -19.56 18.74
C ASP B 44 10.31 -19.12 17.33
N PRO B 45 9.95 -17.90 16.92
CA PRO B 45 10.32 -17.43 15.58
C PRO B 45 11.82 -17.43 15.34
N LYS B 46 12.63 -17.06 16.34
CA LYS B 46 14.06 -16.95 16.14
C LYS B 46 14.68 -18.30 15.81
N SER B 47 14.33 -19.33 16.58
CA SER B 47 14.93 -20.65 16.39
C SER B 47 14.58 -21.21 15.01
N ILE B 48 13.30 -21.11 14.62
CA ILE B 48 12.89 -21.68 13.34
C ILE B 48 13.46 -20.89 12.17
N ILE B 49 13.52 -19.56 12.29
CA ILE B 49 14.11 -18.76 11.22
C ILE B 49 15.61 -19.08 11.08
N THR B 50 16.31 -19.18 12.20
CA THR B 50 17.74 -19.49 12.16
C THR B 50 17.98 -20.87 11.58
N ARG B 51 17.15 -21.85 11.95
CA ARG B 51 17.30 -23.19 11.39
C ARG B 51 17.02 -23.21 9.88
N ILE B 52 15.98 -22.49 9.45
CA ILE B 52 15.67 -22.43 8.02
C ILE B 52 16.85 -21.83 7.26
N CYS B 53 17.42 -20.74 7.79
CA CYS B 53 18.57 -20.14 7.12
C CYS B 53 19.79 -21.05 7.15
N ASP B 54 19.98 -21.78 8.26
CA ASP B 54 21.14 -22.66 8.36
C ASP B 54 21.06 -23.79 7.34
N LEU B 55 19.90 -24.43 7.21
CA LEU B 55 19.74 -25.43 6.15
C LEU B 55 19.81 -24.81 4.77
N MET B 56 19.34 -23.57 4.60
CA MET B 56 19.46 -22.90 3.30
C MET B 56 20.92 -22.73 2.92
N SER B 57 21.76 -22.38 3.89
CA SER B 57 23.18 -22.20 3.61
C SER B 57 23.96 -23.50 3.58
N ASP B 58 23.46 -24.58 4.19
CA ASP B 58 24.26 -25.78 4.39
C ASP B 58 24.67 -26.44 3.09
N ARG B 59 23.73 -27.04 2.36
CA ARG B 59 24.04 -27.65 1.08
C ARG B 59 22.79 -28.11 0.32
N LYS B 60 22.66 -27.66 -0.93
CA LYS B 60 21.81 -28.29 -1.95
C LYS B 60 20.44 -28.75 -1.43
N ILE B 61 19.69 -27.80 -0.86
CA ILE B 61 18.33 -28.07 -0.45
C ILE B 61 17.37 -27.39 -1.42
N GLN B 62 16.11 -27.79 -1.34
CA GLN B 62 15.01 -27.19 -2.07
C GLN B 62 13.78 -27.30 -1.17
N GLY B 63 12.58 -27.15 -1.76
CA GLY B 63 11.34 -27.22 -1.03
C GLY B 63 11.28 -28.26 0.08
N VAL B 64 10.97 -27.82 1.30
CA VAL B 64 11.01 -28.67 2.47
C VAL B 64 9.58 -28.95 2.93
N VAL B 65 9.47 -29.86 3.89
CA VAL B 65 8.19 -30.19 4.53
C VAL B 65 8.30 -29.88 6.01
N PHE B 66 7.15 -29.62 6.63
CA PHE B 66 7.07 -29.26 8.03
C PHE B 66 6.17 -30.24 8.76
N ALA B 67 6.60 -30.64 9.97
CA ALA B 67 5.84 -31.61 10.76
C ALA B 67 6.02 -31.26 12.23
N ASP B 68 5.03 -30.56 12.79
CA ASP B 68 5.02 -30.19 14.20
C ASP B 68 3.78 -30.78 14.85
N ASP B 69 3.98 -31.50 15.95
CA ASP B 69 2.88 -32.14 16.67
C ASP B 69 2.27 -31.23 17.73
N THR B 70 2.78 -30.03 17.91
CA THR B 70 2.25 -29.10 18.90
C THR B 70 1.03 -28.39 18.31
N ASP B 71 0.49 -27.41 19.06
CA ASP B 71 -0.65 -26.62 18.63
C ASP B 71 -0.30 -25.14 18.82
N GLN B 72 0.34 -24.56 17.81
CA GLN B 72 0.68 -23.15 17.82
C GLN B 72 -0.42 -22.36 17.11
N GLU B 73 -0.21 -21.06 16.92
CA GLU B 73 -1.17 -20.22 16.24
C GLU B 73 -0.62 -19.57 14.97
N ALA B 74 0.53 -18.91 15.06
CA ALA B 74 1.08 -18.13 13.95
C ALA B 74 2.19 -18.85 13.21
N ILE B 75 2.32 -20.17 13.42
CA ILE B 75 3.33 -20.93 12.68
C ILE B 75 3.05 -20.87 11.19
N ALA B 76 1.78 -20.99 10.80
CA ALA B 76 1.41 -20.89 9.40
C ALA B 76 1.76 -19.52 8.82
N GLN B 77 1.49 -18.45 9.58
CA GLN B 77 1.82 -17.11 9.11
C GLN B 77 3.32 -16.94 8.94
N ILE B 78 4.11 -17.42 9.90
CA ILE B 78 5.55 -17.30 9.80
C ILE B 78 6.09 -18.08 8.61
N LEU B 79 5.58 -19.30 8.39
CA LEU B 79 6.02 -20.09 7.25
C LEU B 79 5.63 -19.42 5.94
N ASP B 80 4.44 -18.82 5.88
CA ASP B 80 4.03 -18.09 4.69
C ASP B 80 4.95 -16.91 4.43
N PHE B 81 5.31 -16.17 5.47
CA PHE B 81 6.22 -15.04 5.30
C PHE B 81 7.58 -15.50 4.81
N ILE B 82 8.09 -16.61 5.36
CA ILE B 82 9.38 -17.15 4.94
C ILE B 82 9.33 -17.56 3.48
N SER B 83 8.25 -18.25 3.08
CA SER B 83 8.12 -18.65 1.68
C SER B 83 7.93 -17.45 0.76
N ALA B 84 7.35 -16.37 1.26
CA ALA B 84 7.23 -15.16 0.46
C ALA B 84 8.59 -14.50 0.26
N GLN B 85 9.44 -14.50 1.28
CA GLN B 85 10.76 -13.89 1.18
C GLN B 85 11.81 -14.83 0.60
N THR B 86 11.48 -16.09 0.33
CA THR B 86 12.40 -17.03 -0.26
C THR B 86 11.65 -17.96 -1.20
N LEU B 87 12.09 -18.03 -2.46
CA LEU B 87 11.35 -18.74 -3.50
C LEU B 87 11.29 -20.25 -3.29
N THR B 88 11.85 -20.77 -2.20
CA THR B 88 11.78 -22.20 -1.93
C THR B 88 10.37 -22.56 -1.46
N PRO B 89 9.67 -23.46 -2.16
CA PRO B 89 8.28 -23.77 -1.77
C PRO B 89 8.19 -24.83 -0.69
N ILE B 90 7.67 -24.46 0.48
CA ILE B 90 7.53 -25.39 1.59
C ILE B 90 6.05 -25.73 1.75
N LEU B 91 5.79 -26.86 2.40
CA LEU B 91 4.43 -27.34 2.61
C LEU B 91 4.36 -28.14 3.91
N GLY B 92 3.37 -27.82 4.75
CA GLY B 92 3.17 -28.54 5.98
C GLY B 92 2.21 -29.70 5.82
N ILE B 93 2.26 -30.63 6.78
CA ILE B 93 1.41 -31.82 6.70
C ILE B 93 0.57 -32.00 7.97
N HIS B 94 1.21 -31.94 9.14
CA HIS B 94 0.55 -32.34 10.38
C HIS B 94 0.71 -31.27 11.45
N GLY B 95 -0.33 -31.11 12.27
CA GLY B 95 -0.28 -30.22 13.42
C GLY B 95 -0.69 -28.79 13.14
N GLY B 96 0.09 -27.85 13.67
CA GLY B 96 -0.25 -26.44 13.49
C GLY B 96 -0.26 -26.00 12.04
N SER B 97 0.61 -26.59 11.22
CA SER B 97 0.58 -26.30 9.79
C SER B 97 -0.73 -26.73 9.14
N SER B 98 -1.37 -27.76 9.69
CA SER B 98 -2.61 -28.27 9.09
C SER B 98 -3.79 -27.33 9.28
N MET B 99 -3.70 -26.35 10.17
CA MET B 99 -4.79 -25.40 10.36
C MET B 99 -4.88 -24.47 9.14
N ILE B 100 -6.08 -23.97 8.91
CA ILE B 100 -6.33 -23.07 7.80
C ILE B 100 -5.86 -21.66 8.17
N MET B 101 -5.41 -20.91 7.17
CA MET B 101 -5.00 -19.53 7.34
C MET B 101 -5.93 -18.65 6.51
N ALA B 102 -5.97 -17.35 6.88
CA ALA B 102 -6.92 -16.43 6.27
C ALA B 102 -6.76 -16.38 4.76
N ASP B 103 -5.61 -15.91 4.28
CA ASP B 103 -5.35 -15.83 2.84
C ASP B 103 -3.86 -15.59 2.62
N LYS B 104 -3.27 -16.40 1.74
CA LYS B 104 -1.88 -16.22 1.38
C LYS B 104 -1.72 -14.97 0.51
N ASP B 105 -0.47 -14.55 0.33
CA ASP B 105 -0.18 -13.35 -0.45
C ASP B 105 -0.26 -13.68 -1.94
N GLU B 106 0.19 -12.74 -2.78
CA GLU B 106 0.09 -12.92 -4.22
C GLU B 106 1.08 -13.96 -4.73
N SER B 107 2.27 -14.02 -4.15
CA SER B 107 3.35 -14.84 -4.69
C SER B 107 3.80 -15.95 -3.74
N SER B 108 3.05 -16.22 -2.67
CA SER B 108 3.44 -17.26 -1.73
C SER B 108 3.31 -18.64 -2.39
N MET B 109 4.27 -19.51 -2.10
CA MET B 109 4.24 -20.90 -2.54
C MET B 109 4.29 -21.76 -1.28
N PHE B 110 3.11 -21.99 -0.70
CA PHE B 110 3.00 -22.72 0.56
C PHE B 110 1.61 -23.35 0.59
N PHE B 111 1.54 -24.65 0.31
CA PHE B 111 0.29 -25.38 0.23
C PHE B 111 0.11 -26.24 1.47
N GLN B 112 -1.04 -26.12 2.13
CA GLN B 112 -1.33 -26.89 3.32
C GLN B 112 -1.72 -28.30 2.94
N PHE B 113 -2.15 -29.09 3.92
CA PHE B 113 -2.47 -30.50 3.70
C PHE B 113 -3.75 -30.91 4.42
N GLY B 114 -4.65 -29.96 4.67
CA GLY B 114 -5.84 -30.24 5.43
C GLY B 114 -7.10 -29.79 4.73
N PRO B 115 -8.24 -29.96 5.40
CA PRO B 115 -9.52 -29.56 4.80
C PRO B 115 -9.64 -28.06 4.67
N SER B 116 -10.44 -27.64 3.70
CA SER B 116 -10.68 -26.23 3.43
C SER B 116 -11.73 -25.69 4.41
N ILE B 117 -12.23 -24.48 4.13
CA ILE B 117 -13.28 -23.88 4.94
C ILE B 117 -14.67 -24.23 4.43
N GLU B 118 -14.87 -24.27 3.11
CA GLU B 118 -16.18 -24.57 2.52
C GLU B 118 -16.54 -26.05 2.56
N GLN B 119 -15.56 -26.96 2.42
CA GLN B 119 -15.87 -28.38 2.53
C GLN B 119 -16.38 -28.73 3.92
N GLN B 120 -15.84 -28.08 4.95
CA GLN B 120 -16.34 -28.30 6.30
C GLN B 120 -17.82 -27.97 6.39
N ALA B 121 -18.23 -26.83 5.85
CA ALA B 121 -19.64 -26.44 5.88
C ALA B 121 -20.49 -27.40 5.06
N SER B 122 -20.00 -27.82 3.89
CA SER B 122 -20.78 -28.74 3.05
C SER B 122 -21.00 -30.07 3.75
N VAL B 123 -19.95 -30.64 4.36
CA VAL B 123 -20.10 -31.89 5.10
C VAL B 123 -20.99 -31.68 6.32
N MET B 124 -20.88 -30.51 6.95
CA MET B 124 -21.74 -30.18 8.08
C MET B 124 -23.20 -30.25 7.68
N LEU B 125 -23.53 -29.65 6.54
CA LEU B 125 -24.92 -29.63 6.09
C LEU B 125 -25.39 -30.99 5.64
N ASN B 126 -24.55 -31.78 4.96
CA ASN B 126 -25.07 -33.06 4.50
C ASN B 126 -25.22 -34.04 5.66
N ILE B 127 -24.40 -33.91 6.70
CA ILE B 127 -24.61 -34.73 7.89
C ILE B 127 -25.80 -34.23 8.69
N MET B 128 -26.12 -32.94 8.60
CA MET B 128 -27.38 -32.46 9.16
C MET B 128 -28.57 -33.08 8.42
N GLU B 129 -28.46 -33.18 7.10
CA GLU B 129 -29.56 -33.73 6.30
C GLU B 129 -29.71 -35.23 6.50
N GLU B 130 -28.60 -35.95 6.67
CA GLU B 130 -28.67 -37.40 6.73
C GLU B 130 -29.48 -37.92 7.91
N TYR B 131 -29.61 -37.13 8.97
CA TYR B 131 -30.38 -37.53 10.15
C TYR B 131 -31.69 -36.77 10.30
N ASP B 132 -32.05 -35.93 9.34
CA ASP B 132 -33.30 -35.18 9.37
C ASP B 132 -33.41 -34.31 10.62
N TRP B 133 -32.47 -33.37 10.74
CA TRP B 133 -32.48 -32.39 11.81
C TRP B 133 -33.02 -31.04 11.37
N TYR B 134 -32.74 -30.63 10.13
CA TYR B 134 -33.36 -29.47 9.49
C TYR B 134 -33.11 -28.17 10.25
N ILE B 135 -34.06 -27.78 11.11
CA ILE B 135 -33.98 -26.49 11.78
C ILE B 135 -32.71 -26.41 12.60
N PHE B 136 -31.98 -25.30 12.47
CA PHE B 136 -30.73 -25.10 13.19
C PHE B 136 -30.53 -23.61 13.42
N SER B 137 -29.34 -23.26 13.93
CA SER B 137 -28.93 -21.87 14.08
C SER B 137 -27.41 -21.81 13.95
N ILE B 138 -26.90 -20.58 13.79
CA ILE B 138 -25.47 -20.36 13.58
C ILE B 138 -24.98 -19.37 14.61
N VAL B 139 -23.85 -19.70 15.25
CA VAL B 139 -23.16 -18.78 16.15
C VAL B 139 -21.69 -18.76 15.79
N THR B 140 -21.09 -17.57 15.80
CA THR B 140 -19.69 -17.43 15.42
C THR B 140 -19.12 -16.17 16.06
N THR B 141 -17.79 -16.11 16.09
CA THR B 141 -17.04 -14.98 16.62
C THR B 141 -16.24 -14.34 15.49
N TYR B 142 -15.43 -13.34 15.85
CA TYR B 142 -14.65 -12.58 14.87
C TYR B 142 -13.36 -13.33 14.55
N PHE B 143 -13.52 -14.44 13.84
CA PHE B 143 -12.44 -15.27 13.37
C PHE B 143 -12.24 -15.09 11.86
N PRO B 144 -11.00 -15.17 11.38
CA PRO B 144 -10.77 -14.99 9.94
C PRO B 144 -11.44 -16.10 9.12
N GLY B 145 -12.41 -15.70 8.32
CA GLY B 145 -13.11 -16.62 7.44
C GLY B 145 -14.59 -16.81 7.76
N TYR B 146 -15.13 -16.09 8.74
CA TYR B 146 -16.53 -16.27 9.10
C TYR B 146 -17.47 -15.83 7.98
N GLN B 147 -17.09 -14.77 7.24
CA GLN B 147 -17.95 -14.29 6.16
C GLN B 147 -18.13 -15.35 5.09
N ASP B 148 -17.05 -16.04 4.72
CA ASP B 148 -17.16 -17.13 3.75
C ASP B 148 -18.03 -18.25 4.28
N PHE B 149 -17.90 -18.57 5.57
CA PHE B 149 -18.73 -19.60 6.19
C PHE B 149 -20.21 -19.26 6.04
N VAL B 150 -20.59 -18.04 6.44
CA VAL B 150 -22.00 -17.64 6.38
C VAL B 150 -22.48 -17.60 4.93
N ASN B 151 -21.68 -17.04 4.03
CA ASN B 151 -22.10 -16.95 2.64
C ASN B 151 -22.30 -18.32 2.02
N LYS B 152 -21.37 -19.25 2.28
CA LYS B 152 -21.51 -20.60 1.75
C LYS B 152 -22.75 -21.29 2.32
N ILE B 153 -22.99 -21.15 3.62
CA ILE B 153 -24.15 -21.81 4.20
C ILE B 153 -25.45 -21.26 3.61
N ARG B 154 -25.53 -19.94 3.45
CA ARG B 154 -26.74 -19.36 2.88
C ARG B 154 -26.92 -19.76 1.42
N SER B 155 -25.83 -19.76 0.64
CA SER B 155 -25.93 -20.13 -0.77
C SER B 155 -26.30 -21.60 -0.95
N THR B 156 -25.88 -22.46 -0.03
CA THR B 156 -26.18 -23.88 -0.18
C THR B 156 -27.50 -24.30 0.46
N ILE B 157 -28.10 -23.47 1.32
CA ILE B 157 -29.48 -23.72 1.71
C ILE B 157 -30.49 -23.00 0.81
N GLU B 158 -30.05 -22.00 0.05
CA GLU B 158 -30.98 -21.27 -0.81
C GLU B 158 -31.30 -22.01 -2.10
N ASN B 159 -30.51 -23.01 -2.49
CA ASN B 159 -30.69 -23.68 -3.78
C ASN B 159 -30.95 -25.17 -3.62
N SER B 160 -31.84 -25.56 -2.70
CA SER B 160 -32.13 -26.97 -2.47
C SER B 160 -33.62 -27.15 -2.25
N PHE B 161 -34.12 -28.33 -2.64
CA PHE B 161 -35.53 -28.65 -2.44
C PHE B 161 -35.85 -28.84 -0.96
N VAL B 162 -34.93 -29.44 -0.20
CA VAL B 162 -35.20 -29.73 1.20
C VAL B 162 -35.45 -28.43 1.96
N GLY B 163 -36.34 -28.51 2.95
CA GLY B 163 -36.82 -27.31 3.62
C GLY B 163 -36.00 -26.85 4.81
N TRP B 164 -34.82 -26.30 4.54
CA TRP B 164 -34.04 -25.68 5.61
C TRP B 164 -34.76 -24.45 6.14
N GLU B 165 -34.73 -24.29 7.47
CA GLU B 165 -35.34 -23.14 8.14
C GLU B 165 -34.31 -22.55 9.10
N LEU B 166 -33.46 -21.67 8.58
CA LEU B 166 -32.47 -21.00 9.40
C LEU B 166 -33.14 -20.04 10.37
N GLU B 167 -32.47 -19.78 11.49
CA GLU B 167 -33.02 -18.90 12.52
C GLU B 167 -31.88 -18.22 13.25
N GLU B 168 -31.66 -16.94 12.93
CA GLU B 168 -30.75 -16.05 13.65
C GLU B 168 -29.28 -16.41 13.42
N VAL B 169 -28.45 -15.38 13.27
CA VAL B 169 -26.99 -15.55 13.17
C VAL B 169 -26.32 -14.54 14.09
N LEU B 170 -25.95 -14.98 15.29
CA LEU B 170 -25.34 -14.08 16.26
C LEU B 170 -23.85 -13.90 15.95
N LEU B 171 -23.39 -12.67 16.10
CA LEU B 171 -22.01 -12.29 15.80
C LEU B 171 -21.31 -11.73 17.04
N LEU B 172 -21.46 -12.42 18.17
CA LEU B 172 -20.87 -11.95 19.41
C LEU B 172 -19.35 -11.95 19.33
N ASP B 173 -18.73 -11.00 20.03
CA ASP B 173 -17.28 -10.88 20.07
C ASP B 173 -16.84 -10.72 21.52
N MET B 174 -15.68 -11.29 21.83
CA MET B 174 -15.12 -11.23 23.18
C MET B 174 -14.19 -10.06 23.38
N SER B 175 -13.93 -9.25 22.34
CA SER B 175 -13.07 -8.09 22.49
C SER B 175 -13.69 -7.08 23.46
N LEU B 176 -15.00 -6.86 23.37
CA LEU B 176 -15.71 -5.94 24.25
C LEU B 176 -16.07 -6.66 25.55
N ASP B 177 -15.04 -6.90 26.37
CA ASP B 177 -15.22 -7.54 27.65
C ASP B 177 -15.91 -6.59 28.62
N ASP B 178 -16.15 -7.08 29.84
CA ASP B 178 -16.88 -6.36 30.89
C ASP B 178 -18.29 -5.97 30.46
N GLY B 179 -18.83 -6.67 29.46
CA GLY B 179 -20.18 -6.43 28.98
C GLY B 179 -20.91 -7.73 28.74
N ASP B 180 -20.60 -8.74 29.58
CA ASP B 180 -21.09 -10.09 29.38
C ASP B 180 -22.60 -10.23 29.58
N SER B 181 -23.27 -9.20 30.11
CA SER B 181 -24.72 -9.29 30.28
C SER B 181 -25.43 -9.42 28.94
N LYS B 182 -25.02 -8.62 27.94
CA LYS B 182 -25.62 -8.71 26.62
C LYS B 182 -25.35 -10.08 26.00
N ILE B 183 -24.14 -10.61 26.20
CA ILE B 183 -23.83 -11.96 25.72
C ILE B 183 -24.76 -12.97 26.35
N GLN B 184 -24.97 -12.86 27.66
CA GLN B 184 -25.85 -13.80 28.36
C GLN B 184 -27.27 -13.74 27.81
N ASN B 185 -27.78 -12.52 27.60
CA ASN B 185 -29.15 -12.38 27.08
C ASN B 185 -29.27 -12.94 25.68
N GLN B 186 -28.33 -12.59 24.79
CA GLN B 186 -28.44 -13.06 23.41
C GLN B 186 -28.23 -14.56 23.31
N LEU B 187 -27.44 -15.15 24.21
CA LEU B 187 -27.33 -16.61 24.24
C LEU B 187 -28.62 -17.24 24.76
N LYS B 188 -29.25 -16.62 25.76
CA LYS B 188 -30.53 -17.12 26.26
C LYS B 188 -31.64 -16.97 25.23
N LYS B 189 -31.45 -16.12 24.22
CA LYS B 189 -32.48 -15.95 23.19
C LYS B 189 -32.68 -17.23 22.39
N LEU B 190 -31.60 -17.95 22.08
CA LEU B 190 -31.67 -19.06 21.13
C LEU B 190 -32.62 -20.16 21.59
N GLN B 191 -33.33 -20.76 20.63
CA GLN B 191 -34.29 -21.82 20.90
C GLN B 191 -34.16 -23.04 20.01
N SER B 192 -33.44 -22.96 18.89
CA SER B 192 -33.41 -24.07 17.95
C SER B 192 -32.62 -25.25 18.52
N PRO B 193 -33.03 -26.48 18.22
CA PRO B 193 -32.36 -27.65 18.80
C PRO B 193 -30.89 -27.79 18.39
N ILE B 194 -30.53 -27.43 17.16
CA ILE B 194 -29.18 -27.64 16.64
C ILE B 194 -28.51 -26.29 16.47
N ILE B 195 -27.27 -26.19 16.96
CA ILE B 195 -26.52 -24.93 16.95
C ILE B 195 -25.14 -25.21 16.36
N LEU B 196 -24.92 -24.78 15.13
CA LEU B 196 -23.57 -24.75 14.58
C LEU B 196 -22.77 -23.65 15.25
N LEU B 197 -21.51 -23.96 15.57
CA LEU B 197 -20.64 -23.02 16.27
C LEU B 197 -19.33 -22.88 15.52
N TYR B 198 -18.85 -21.64 15.41
CA TYR B 198 -17.57 -21.34 14.78
C TYR B 198 -16.74 -20.51 15.75
N CYS B 199 -15.72 -21.13 16.34
CA CYS B 199 -14.91 -20.47 17.37
C CYS B 199 -13.56 -21.17 17.42
N THR B 200 -12.80 -20.89 18.49
CA THR B 200 -11.53 -21.53 18.76
C THR B 200 -11.50 -21.99 20.21
N LYS B 201 -10.52 -22.84 20.53
CA LYS B 201 -10.49 -23.53 21.83
C LYS B 201 -10.58 -22.55 22.98
N GLU B 202 -9.72 -21.53 22.98
CA GLU B 202 -9.69 -20.58 24.09
C GLU B 202 -11.02 -19.87 24.25
N GLU B 203 -11.62 -19.45 23.14
CA GLU B 203 -12.96 -18.86 23.21
C GLU B 203 -14.00 -19.92 23.52
N ALA B 204 -13.85 -21.11 22.95
CA ALA B 204 -14.87 -22.16 23.12
C ALA B 204 -15.05 -22.52 24.59
N THR B 205 -13.97 -22.49 25.37
CA THR B 205 -14.12 -22.74 26.80
C THR B 205 -15.06 -21.72 27.45
N TYR B 206 -14.88 -20.44 27.10
CA TYR B 206 -15.72 -19.38 27.66
C TYR B 206 -17.17 -19.57 27.24
N ILE B 207 -17.39 -19.86 25.94
CA ILE B 207 -18.76 -20.03 25.45
C ILE B 207 -19.43 -21.23 26.10
N PHE B 208 -18.71 -22.33 26.25
CA PHE B 208 -19.31 -23.50 26.88
C PHE B 208 -19.56 -23.28 28.36
N GLU B 209 -18.69 -22.53 29.05
CA GLU B 209 -18.95 -22.21 30.45
C GLU B 209 -20.21 -21.38 30.60
N VAL B 210 -20.36 -20.34 29.77
CA VAL B 210 -21.56 -19.51 29.89
C VAL B 210 -22.80 -20.29 29.48
N ALA B 211 -22.67 -21.17 28.49
CA ALA B 211 -23.81 -22.00 28.09
C ALA B 211 -24.23 -22.94 29.21
N ASN B 212 -23.25 -23.55 29.90
CA ASN B 212 -23.58 -24.42 31.02
C ASN B 212 -24.22 -23.65 32.16
N SER B 213 -23.72 -22.45 32.45
CA SER B 213 -24.34 -21.65 33.51
C SER B 213 -25.75 -21.24 33.15
N VAL B 214 -26.00 -20.90 31.88
CA VAL B 214 -27.35 -20.57 31.45
C VAL B 214 -28.25 -21.80 31.53
N GLY B 215 -27.76 -22.94 31.05
CA GLY B 215 -28.47 -24.20 31.15
C GLY B 215 -29.03 -24.77 29.86
N LEU B 216 -28.65 -24.23 28.71
CA LEU B 216 -29.15 -24.74 27.42
C LEU B 216 -28.24 -25.83 26.83
N THR B 217 -27.88 -26.79 27.67
CA THR B 217 -27.05 -27.92 27.25
C THR B 217 -27.57 -29.21 27.86
N GLY B 218 -28.89 -29.38 27.84
CA GLY B 218 -29.50 -30.49 28.52
C GLY B 218 -29.79 -31.71 27.65
N TYR B 219 -31.06 -31.93 27.34
CA TYR B 219 -31.49 -33.14 26.65
C TYR B 219 -31.86 -32.94 25.19
N GLY B 220 -32.28 -31.74 24.80
CA GLY B 220 -32.72 -31.51 23.44
C GLY B 220 -31.87 -30.54 22.65
N TYR B 221 -30.57 -30.55 22.88
CA TYR B 221 -29.64 -29.70 22.15
C TYR B 221 -28.39 -30.50 21.81
N THR B 222 -27.75 -30.14 20.70
CA THR B 222 -26.58 -30.88 20.22
C THR B 222 -25.70 -29.89 19.45
N TRP B 223 -24.64 -29.41 20.10
CA TRP B 223 -23.69 -28.54 19.42
C TRP B 223 -22.93 -29.30 18.35
N ILE B 224 -22.52 -28.56 17.31
CA ILE B 224 -21.70 -29.11 16.24
C ILE B 224 -20.58 -28.11 15.96
N VAL B 225 -19.36 -28.61 15.83
CA VAL B 225 -18.18 -27.75 15.74
C VAL B 225 -17.28 -28.17 14.59
N PRO B 226 -16.46 -27.27 14.04
CA PRO B 226 -15.53 -27.63 12.98
C PRO B 226 -14.28 -28.31 13.56
N SER B 227 -13.35 -28.64 12.66
CA SER B 227 -12.16 -29.40 13.06
C SER B 227 -11.26 -28.61 14.00
N LEU B 228 -11.05 -27.32 13.72
CA LEU B 228 -10.05 -26.55 14.46
C LEU B 228 -10.42 -26.39 15.94
N VAL B 229 -11.70 -26.50 16.28
CA VAL B 229 -12.08 -26.47 17.69
C VAL B 229 -11.59 -27.73 18.40
N ALA B 230 -11.63 -28.87 17.72
CA ALA B 230 -11.18 -30.12 18.33
C ALA B 230 -9.69 -30.05 18.68
N GLY B 231 -8.87 -29.50 17.78
CA GLY B 231 -7.45 -29.42 18.02
C GLY B 231 -6.80 -30.78 18.18
N ASP B 232 -6.42 -31.11 19.41
CA ASP B 232 -5.89 -32.43 19.74
C ASP B 232 -6.98 -33.22 20.45
N THR B 233 -7.24 -34.44 19.94
CA THR B 233 -8.32 -35.24 20.48
C THR B 233 -8.05 -35.67 21.92
N ASP B 234 -6.78 -36.00 22.23
CA ASP B 234 -6.46 -36.49 23.56
C ASP B 234 -6.74 -35.44 24.64
N THR B 235 -6.36 -34.19 24.38
CA THR B 235 -6.58 -33.13 25.36
C THR B 235 -8.05 -32.73 25.41
N VAL B 236 -8.54 -32.48 26.61
CA VAL B 236 -9.93 -32.06 26.82
C VAL B 236 -10.02 -31.26 28.12
N PRO B 237 -10.66 -30.09 28.12
CA PRO B 237 -10.86 -29.35 29.36
C PRO B 237 -12.00 -29.89 30.22
N SER B 238 -12.70 -30.93 29.77
CA SER B 238 -13.85 -31.55 30.41
C SER B 238 -15.09 -30.67 30.41
N GLU B 239 -14.99 -29.44 29.87
CA GLU B 239 -16.15 -28.56 29.78
C GLU B 239 -16.97 -28.81 28.52
N PHE B 240 -16.50 -29.66 27.62
CA PHE B 240 -17.25 -29.93 26.40
C PHE B 240 -18.53 -30.67 26.76
N PRO B 241 -19.70 -30.18 26.36
CA PRO B 241 -20.94 -30.91 26.65
C PRO B 241 -20.93 -32.28 25.98
N THR B 242 -21.46 -33.28 26.68
CA THR B 242 -21.51 -34.62 26.14
C THR B 242 -22.47 -34.68 24.96
N GLY B 243 -22.05 -35.38 23.91
CA GLY B 243 -22.84 -35.47 22.69
C GLY B 243 -22.42 -34.52 21.60
N LEU B 244 -21.41 -33.69 21.82
CA LEU B 244 -20.93 -32.77 20.80
C LEU B 244 -20.30 -33.56 19.65
N ILE B 245 -20.66 -33.18 18.42
CA ILE B 245 -20.24 -33.89 17.21
C ILE B 245 -19.28 -33.00 16.44
N SER B 246 -18.14 -33.55 16.05
CA SER B 246 -17.13 -32.77 15.34
C SER B 246 -16.60 -33.54 14.15
N VAL B 247 -16.37 -32.84 13.05
CA VAL B 247 -15.78 -33.40 11.84
C VAL B 247 -14.31 -33.01 11.80
N SER B 248 -13.43 -33.99 11.56
CA SER B 248 -12.00 -33.71 11.61
C SER B 248 -11.27 -34.65 10.67
N TYR B 249 -10.04 -34.26 10.33
CA TYR B 249 -9.19 -35.08 9.46
C TYR B 249 -8.80 -36.37 10.17
N ASP B 250 -8.64 -37.43 9.37
CA ASP B 250 -8.24 -38.72 9.92
C ASP B 250 -6.79 -38.67 10.38
N GLU B 251 -6.55 -39.12 11.61
CA GLU B 251 -5.22 -39.07 12.21
C GLU B 251 -4.70 -40.42 12.64
N TRP B 252 -5.53 -41.27 13.22
CA TRP B 252 -5.10 -42.56 13.74
C TRP B 252 -5.15 -43.68 12.71
N ASP B 253 -5.46 -43.36 11.45
CA ASP B 253 -5.43 -44.34 10.37
C ASP B 253 -4.55 -43.93 9.20
N TYR B 254 -4.14 -42.67 9.12
CA TYR B 254 -3.24 -42.19 8.07
C TYR B 254 -1.86 -41.96 8.70
N GLY B 255 -0.91 -42.83 8.38
CA GLY B 255 0.38 -42.77 9.02
C GLY B 255 1.24 -41.64 8.49
N LEU B 256 2.05 -41.07 9.38
CA LEU B 256 3.01 -40.05 8.97
C LEU B 256 4.00 -40.54 7.91
N PRO B 257 4.49 -41.79 7.95
CA PRO B 257 5.31 -42.26 6.82
C PRO B 257 4.64 -42.09 5.48
N ALA B 258 3.34 -42.34 5.39
CA ALA B 258 2.63 -42.12 4.13
C ALA B 258 2.64 -40.65 3.74
N ARG B 259 2.48 -39.76 4.73
CA ARG B 259 2.49 -38.33 4.43
C ARG B 259 3.86 -37.88 3.92
N VAL B 260 4.94 -38.35 4.55
CA VAL B 260 6.27 -38.01 4.08
C VAL B 260 6.50 -38.57 2.67
N ARG B 261 6.08 -39.81 2.45
CA ARG B 261 6.26 -40.45 1.15
C ARG B 261 5.54 -39.67 0.05
N ASP B 262 4.28 -39.27 0.30
CA ASP B 262 3.54 -38.60 -0.76
C ASP B 262 4.02 -37.17 -0.95
N GLY B 263 4.50 -36.51 0.10
CA GLY B 263 5.10 -35.20 -0.10
C GLY B 263 6.35 -35.27 -0.97
N ILE B 264 7.23 -36.23 -0.66
CA ILE B 264 8.42 -36.43 -1.48
C ILE B 264 8.03 -36.77 -2.92
N ALA B 265 7.02 -37.62 -3.08
CA ALA B 265 6.56 -37.99 -4.42
C ALA B 265 6.03 -36.79 -5.17
N ILE B 266 5.27 -35.92 -4.50
CA ILE B 266 4.73 -34.73 -5.16
C ILE B 266 5.86 -33.84 -5.65
N ILE B 267 6.84 -33.57 -4.77
CA ILE B 267 7.94 -32.69 -5.15
C ILE B 267 8.72 -33.31 -6.32
N THR B 268 9.02 -34.61 -6.21
CA THR B 268 9.79 -35.28 -7.25
C THR B 268 9.05 -35.28 -8.59
N THR B 269 7.75 -35.56 -8.56
CA THR B 269 6.97 -35.61 -9.80
C THR B 269 6.91 -34.24 -10.46
N ALA B 270 6.67 -33.19 -9.69
CA ALA B 270 6.63 -31.85 -10.27
C ALA B 270 7.98 -31.48 -10.86
N ALA B 271 9.07 -31.74 -10.12
CA ALA B 271 10.39 -31.39 -10.61
C ALA B 271 10.74 -32.16 -11.88
N SER B 272 10.45 -33.46 -11.91
CA SER B 272 10.75 -34.27 -13.09
C SER B 272 9.92 -33.82 -14.28
N ASP B 273 8.64 -33.53 -14.07
CA ASP B 273 7.78 -33.11 -15.18
C ASP B 273 8.27 -31.80 -15.79
N MET B 274 8.58 -30.82 -14.94
CA MET B 274 9.06 -29.55 -15.49
C MET B 274 10.45 -29.67 -16.09
N LEU B 275 11.32 -30.53 -15.54
CA LEU B 275 12.62 -30.75 -16.15
C LEU B 275 12.48 -31.38 -17.53
N SER B 276 11.55 -32.34 -17.67
CA SER B 276 11.36 -33.00 -18.96
C SER B 276 10.73 -32.06 -19.98
N GLU B 277 9.75 -31.25 -19.56
CA GLU B 277 9.00 -30.42 -20.50
C GLU B 277 9.56 -29.02 -20.66
N HIS B 278 10.64 -28.67 -19.96
CA HIS B 278 11.27 -27.37 -20.16
C HIS B 278 12.78 -27.40 -20.25
N SER B 279 13.43 -28.53 -19.92
CA SER B 279 14.89 -28.65 -19.94
C SER B 279 15.54 -27.57 -19.07
N PHE B 280 14.93 -27.29 -17.92
CA PHE B 280 15.45 -26.28 -17.01
C PHE B 280 14.93 -26.56 -15.61
N ILE B 281 15.77 -26.34 -14.61
CA ILE B 281 15.41 -26.51 -13.22
C ILE B 281 15.88 -25.28 -12.45
N PRO B 282 14.99 -24.56 -11.77
CA PRO B 282 15.44 -23.37 -11.02
C PRO B 282 16.34 -23.74 -9.86
N GLU B 283 17.39 -22.94 -9.68
CA GLU B 283 18.36 -23.14 -8.60
C GLU B 283 18.61 -21.81 -7.90
N PRO B 284 17.79 -21.46 -6.91
CA PRO B 284 18.03 -20.21 -6.16
C PRO B 284 19.31 -20.30 -5.34
N LYS B 285 19.87 -19.13 -5.07
CA LYS B 285 21.12 -19.05 -4.30
C LYS B 285 20.92 -19.61 -2.90
N SER B 286 21.98 -20.26 -2.39
CA SER B 286 21.93 -20.89 -1.08
C SER B 286 22.38 -19.91 0.01
N SER B 287 21.71 -18.75 0.03
CA SER B 287 21.96 -17.73 1.04
C SER B 287 20.62 -17.19 1.51
N CYS B 288 20.38 -17.29 2.83
CA CYS B 288 19.10 -16.85 3.38
C CYS B 288 18.89 -15.35 3.20
N TYR B 289 19.88 -14.55 3.60
CA TYR B 289 19.74 -13.10 3.60
C TYR B 289 20.89 -12.44 2.85
N ASN B 290 20.97 -11.11 2.98
CA ASN B 290 22.00 -10.26 2.37
C ASN B 290 22.33 -10.68 0.94
N THR B 291 21.29 -10.93 0.14
CA THR B 291 21.47 -11.31 -1.27
C THR B 291 20.37 -10.62 -2.08
N HIS B 292 20.69 -9.46 -2.64
CA HIS B 292 19.75 -8.73 -3.49
C HIS B 292 19.78 -9.20 -4.93
N GLU B 293 20.76 -10.02 -5.32
CA GLU B 293 20.86 -10.54 -6.67
C GLU B 293 20.36 -11.97 -6.79
N LYS B 294 19.74 -12.51 -5.75
CA LYS B 294 19.25 -13.88 -5.80
C LYS B 294 18.15 -14.04 -6.83
N ARG B 295 17.25 -13.06 -6.92
CA ARG B 295 16.12 -13.12 -7.86
C ARG B 295 16.58 -12.63 -9.22
N ILE B 296 17.13 -13.54 -10.02
CA ILE B 296 17.54 -13.20 -11.37
C ILE B 296 16.41 -13.39 -12.39
N TYR B 297 15.36 -14.13 -12.03
CA TYR B 297 14.23 -14.35 -12.91
C TYR B 297 13.06 -14.86 -12.10
N GLN B 298 11.89 -14.24 -12.27
CA GLN B 298 10.70 -14.69 -11.57
C GLN B 298 10.36 -16.13 -11.97
N SER B 299 10.10 -16.96 -10.97
CA SER B 299 9.91 -18.41 -11.18
C SER B 299 8.58 -18.83 -10.56
N ASN B 300 7.54 -18.87 -11.39
CA ASN B 300 6.23 -19.38 -10.98
C ASN B 300 5.83 -20.63 -11.75
N MET B 301 6.73 -21.17 -12.57
CA MET B 301 6.41 -22.42 -13.28
C MET B 301 6.25 -23.57 -12.30
N LEU B 302 7.06 -23.58 -11.23
CA LEU B 302 6.88 -24.59 -10.19
C LEU B 302 5.53 -24.43 -9.51
N ASN B 303 5.06 -23.19 -9.33
CA ASN B 303 3.71 -22.97 -8.82
C ASN B 303 2.67 -23.53 -9.77
N ARG B 304 2.87 -23.35 -11.08
CA ARG B 304 1.97 -23.91 -12.07
C ARG B 304 2.09 -25.43 -12.17
N TYR B 305 3.14 -26.03 -11.63
CA TYR B 305 3.35 -27.47 -11.70
C TYR B 305 2.90 -28.23 -10.46
N LEU B 306 2.68 -27.53 -9.35
CA LEU B 306 2.28 -28.17 -8.11
C LEU B 306 0.77 -28.34 -7.97
N ILE B 307 0.00 -27.88 -8.96
CA ILE B 307 -1.45 -27.96 -8.91
C ILE B 307 -1.97 -29.20 -9.64
N ASN B 308 -1.08 -30.13 -9.97
CA ASN B 308 -1.48 -31.37 -10.65
C ASN B 308 -0.42 -32.43 -10.39
N VAL B 309 -0.86 -33.63 -10.05
CA VAL B 309 0.03 -34.75 -9.79
C VAL B 309 -0.71 -36.07 -9.95
N THR B 310 -0.11 -37.01 -10.68
CA THR B 310 -0.69 -38.33 -10.92
C THR B 310 0.36 -39.38 -10.57
N PHE B 311 0.31 -39.92 -9.35
CA PHE B 311 1.21 -40.97 -8.93
C PHE B 311 0.43 -42.07 -8.23
N GLU B 312 0.78 -43.32 -8.53
CA GLU B 312 0.19 -44.50 -7.90
C GLU B 312 -1.34 -44.50 -7.99
N GLY B 313 -1.87 -43.90 -9.05
CA GLY B 313 -3.31 -43.81 -9.20
C GLY B 313 -3.99 -43.03 -8.09
N ARG B 314 -3.40 -41.90 -7.69
CA ARG B 314 -3.92 -41.09 -6.60
C ARG B 314 -4.04 -39.65 -7.04
N ASP B 315 -4.95 -38.93 -6.41
CA ASP B 315 -5.19 -37.52 -6.71
C ASP B 315 -4.79 -36.66 -5.51
N LEU B 316 -3.92 -35.69 -5.75
CA LEU B 316 -3.47 -34.75 -4.73
C LEU B 316 -3.46 -33.34 -5.29
N SER B 317 -4.52 -32.99 -6.02
CA SER B 317 -4.58 -31.69 -6.70
C SER B 317 -4.88 -30.60 -5.69
N PHE B 318 -3.91 -29.72 -5.46
CA PHE B 318 -4.13 -28.57 -4.60
C PHE B 318 -4.98 -27.52 -5.32
N SER B 319 -5.37 -26.49 -4.58
CA SER B 319 -6.17 -25.39 -5.12
C SER B 319 -5.34 -24.11 -5.13
N GLU B 320 -5.96 -23.04 -5.64
CA GLU B 320 -5.25 -21.76 -5.73
C GLU B 320 -4.90 -21.22 -4.35
N GLU B 321 -5.88 -21.13 -3.46
CA GLU B 321 -5.61 -20.70 -2.09
C GLU B 321 -4.80 -21.71 -1.32
N GLY B 322 -4.82 -22.97 -1.74
CA GLY B 322 -4.06 -24.03 -1.09
C GLY B 322 -4.92 -24.89 -0.21
N TYR B 323 -5.37 -26.02 -0.74
CA TYR B 323 -6.26 -26.95 -0.05
C TYR B 323 -5.85 -28.35 -0.46
N GLN B 324 -6.72 -29.33 -0.19
CA GLN B 324 -6.52 -30.69 -0.67
C GLN B 324 -7.50 -31.08 -1.75
N MET B 325 -8.74 -30.59 -1.68
CA MET B 325 -9.77 -30.74 -2.71
C MET B 325 -10.32 -32.16 -2.79
N HIS B 326 -9.72 -33.10 -2.05
CA HIS B 326 -10.19 -34.47 -1.99
C HIS B 326 -9.77 -35.13 -0.69
N PRO B 327 -10.20 -34.62 0.47
CA PRO B 327 -9.76 -35.23 1.73
C PRO B 327 -10.64 -36.41 2.13
N LYS B 328 -10.30 -37.06 3.25
CA LYS B 328 -11.08 -38.17 3.79
C LYS B 328 -11.35 -37.86 5.25
N LEU B 329 -12.42 -37.10 5.52
CA LEU B 329 -12.75 -36.67 6.86
C LEU B 329 -13.50 -37.76 7.61
N VAL B 330 -13.38 -37.71 8.94
CA VAL B 330 -14.10 -38.60 9.84
C VAL B 330 -14.89 -37.75 10.81
N ILE B 331 -16.12 -38.17 11.07
CA ILE B 331 -17.03 -37.47 11.98
C ILE B 331 -17.07 -38.27 13.27
N ILE B 332 -16.75 -37.60 14.37
CA ILE B 332 -16.57 -38.25 15.66
C ILE B 332 -17.49 -37.58 16.67
N LEU B 333 -17.75 -38.31 17.76
CA LEU B 333 -18.66 -37.86 18.81
C LEU B 333 -18.03 -38.15 20.16
N LEU B 334 -18.39 -37.33 21.15
CA LEU B 334 -17.89 -37.46 22.50
C LEU B 334 -18.89 -38.26 23.33
N ASN B 335 -18.53 -39.49 23.69
CA ASN B 335 -19.42 -40.36 24.45
C ASN B 335 -19.36 -39.99 25.93
N LYS B 336 -19.91 -40.86 26.78
CA LYS B 336 -19.97 -40.57 28.20
C LYS B 336 -18.57 -40.41 28.80
N GLU B 337 -17.67 -41.34 28.50
CA GLU B 337 -16.28 -41.17 28.86
C GLU B 337 -15.63 -40.14 27.96
N ARG B 338 -14.69 -39.38 28.51
CA ARG B 338 -14.07 -38.28 27.78
C ARG B 338 -13.07 -38.83 26.77
N LYS B 339 -13.59 -39.23 25.61
CA LYS B 339 -12.76 -39.72 24.51
C LYS B 339 -13.55 -39.57 23.22
N TRP B 340 -12.83 -39.56 22.10
CA TRP B 340 -13.43 -39.39 20.78
C TRP B 340 -13.47 -40.73 20.07
N GLU B 341 -14.64 -41.06 19.52
CA GLU B 341 -14.86 -42.31 18.80
C GLU B 341 -15.37 -42.02 17.40
N ARG B 342 -14.85 -42.76 16.43
CA ARG B 342 -15.28 -42.61 15.04
C ARG B 342 -16.72 -43.09 14.87
N VAL B 343 -17.53 -42.27 14.21
CA VAL B 343 -18.93 -42.64 13.99
C VAL B 343 -19.28 -42.51 12.51
N GLY B 344 -18.51 -41.73 11.75
CA GLY B 344 -18.83 -41.58 10.34
C GLY B 344 -17.60 -41.30 9.51
N LYS B 345 -17.71 -41.63 8.22
CA LYS B 345 -16.61 -41.46 7.27
C LYS B 345 -17.12 -40.77 6.01
N TRP B 346 -16.30 -39.87 5.46
CA TRP B 346 -16.61 -39.21 4.19
C TRP B 346 -15.53 -39.53 3.18
N LYS B 347 -15.95 -39.77 1.93
CA LYS B 347 -15.01 -40.09 0.86
C LYS B 347 -15.70 -39.80 -0.47
N ASP B 348 -15.24 -38.78 -1.19
CA ASP B 348 -15.71 -38.45 -2.53
C ASP B 348 -17.24 -38.36 -2.59
N LYS B 349 -17.77 -37.44 -1.78
CA LYS B 349 -19.21 -37.16 -1.71
C LYS B 349 -20.01 -38.38 -1.26
N SER B 350 -19.32 -39.41 -0.78
CA SER B 350 -19.96 -40.60 -0.24
C SER B 350 -19.84 -40.60 1.28
N LEU B 351 -20.95 -40.87 1.96
CA LEU B 351 -21.02 -40.74 3.41
C LEU B 351 -21.43 -42.08 4.01
N GLN B 352 -20.61 -42.61 4.92
CA GLN B 352 -20.84 -43.92 5.51
C GLN B 352 -20.95 -43.81 7.03
N MET B 353 -21.90 -44.56 7.59
CA MET B 353 -22.20 -44.56 9.02
C MET B 353 -21.99 -45.95 9.62
N LYS B 354 -22.37 -46.09 10.87
CA LYS B 354 -22.25 -47.35 11.60
C LYS B 354 -23.29 -47.42 12.71
N LEU C 1 0.42 38.05 -34.29
CA LEU C 1 0.52 38.54 -32.91
C LEU C 1 1.93 39.05 -32.65
N GLN C 2 2.04 40.30 -32.23
CA GLN C 2 3.33 40.91 -31.95
C GLN C 2 3.19 41.88 -30.78
N LEU C 3 4.16 41.86 -29.89
CA LEU C 3 4.15 42.72 -28.71
C LEU C 3 5.50 43.45 -28.58
N GLN C 4 5.44 44.67 -28.07
CA GLN C 4 6.62 45.49 -27.86
C GLN C 4 6.57 46.10 -26.46
N GLU C 5 7.74 46.28 -25.86
CA GLU C 5 7.82 46.84 -24.53
C GLU C 5 7.42 48.30 -24.52
N SER C 6 6.77 48.73 -23.44
CA SER C 6 6.35 50.12 -23.27
C SER C 6 6.53 50.48 -21.80
N GLY C 7 6.02 51.66 -21.43
CA GLY C 7 6.11 52.13 -20.07
C GLY C 7 6.75 53.50 -19.96
N PRO C 8 6.79 54.06 -18.75
CA PRO C 8 7.39 55.39 -18.60
C PRO C 8 8.91 55.35 -18.69
N GLY C 9 9.56 54.32 -18.15
CA GLY C 9 11.00 54.21 -18.23
C GLY C 9 11.73 55.17 -17.32
N LEU C 10 11.55 55.01 -16.01
CA LEU C 10 12.23 55.83 -15.01
C LEU C 10 13.44 55.09 -14.44
N VAL C 11 14.37 55.87 -13.89
CA VAL C 11 15.59 55.33 -13.31
C VAL C 11 15.86 55.86 -11.91
N LYS C 12 14.97 56.67 -11.35
CA LYS C 12 15.19 57.22 -10.02
C LYS C 12 15.06 56.12 -8.96
N PRO C 13 15.77 56.27 -7.84
CA PRO C 13 15.69 55.26 -6.78
C PRO C 13 14.62 55.58 -5.75
N SER C 14 14.25 54.54 -5.00
CA SER C 14 13.24 54.65 -3.94
C SER C 14 11.91 55.18 -4.49
N GLN C 15 11.38 54.45 -5.47
CA GLN C 15 10.12 54.82 -6.11
C GLN C 15 9.36 53.54 -6.45
N THR C 16 8.34 53.66 -7.28
CA THR C 16 7.53 52.52 -7.71
C THR C 16 7.59 52.41 -9.23
N LEU C 17 7.67 51.17 -9.72
CA LEU C 17 7.74 50.91 -11.14
C LEU C 17 6.34 50.75 -11.72
N SER C 18 6.17 51.23 -12.96
CA SER C 18 4.90 51.11 -13.66
C SER C 18 5.18 51.08 -15.16
N LEU C 19 4.88 49.95 -15.79
CA LEU C 19 5.08 49.80 -17.23
C LEU C 19 4.11 48.74 -17.72
N THR C 20 3.65 48.91 -18.96
CA THR C 20 2.66 48.03 -19.55
C THR C 20 3.15 47.51 -20.89
N CYS C 21 2.58 46.37 -21.30
CA CYS C 21 2.93 45.75 -22.57
C CYS C 21 2.01 46.28 -23.67
N THR C 22 2.23 45.79 -24.89
CA THR C 22 1.49 46.28 -26.06
C THR C 22 0.51 45.26 -26.62
N VAL C 23 0.99 44.05 -26.94
CA VAL C 23 0.25 42.95 -27.56
C VAL C 23 -0.79 43.43 -28.57
N SER C 24 -0.39 43.49 -29.85
CA SER C 24 -1.30 43.79 -30.94
C SER C 24 -1.38 42.59 -31.87
N GLY C 25 -2.59 42.25 -32.28
CA GLY C 25 -2.85 41.09 -33.10
C GLY C 25 -3.41 39.89 -32.35
N GLY C 26 -3.30 39.88 -31.01
CA GLY C 26 -3.83 38.84 -30.18
C GLY C 26 -4.97 39.33 -29.30
N SER C 27 -5.54 38.39 -28.56
CA SER C 27 -6.65 38.65 -27.65
C SER C 27 -6.23 38.32 -26.23
N ILE C 28 -6.47 39.26 -25.31
CA ILE C 28 -6.18 39.00 -23.91
C ILE C 28 -7.05 37.87 -23.38
N SER C 29 -8.34 37.88 -23.72
CA SER C 29 -9.23 36.81 -23.31
C SER C 29 -8.94 35.56 -24.12
N SER C 30 -8.03 34.73 -23.64
CA SER C 30 -7.58 33.55 -24.35
C SER C 30 -7.21 32.48 -23.33
N SER C 31 -6.49 31.45 -23.78
CA SER C 31 -6.07 30.34 -22.95
C SER C 31 -4.55 30.29 -22.83
N ASN C 32 -3.93 31.45 -22.64
CA ASN C 32 -2.49 31.57 -22.50
C ASN C 32 -2.15 32.20 -21.16
N TRP C 33 -0.86 32.44 -20.95
CA TRP C 33 -0.36 33.10 -19.74
C TRP C 33 0.69 34.12 -20.14
N TRP C 34 0.78 35.19 -19.35
CA TRP C 34 1.70 36.29 -19.62
C TRP C 34 2.70 36.40 -18.48
N SER C 35 3.98 36.37 -18.82
CA SER C 35 5.06 36.44 -17.84
C SER C 35 5.75 37.80 -17.91
N TRP C 36 6.60 38.05 -16.92
CA TRP C 36 7.32 39.32 -16.78
C TRP C 36 8.78 39.05 -16.46
N VAL C 37 9.42 38.19 -17.25
CA VAL C 37 10.79 37.78 -16.99
C VAL C 37 11.72 39.00 -16.95
N ARG C 38 12.60 39.02 -15.96
CA ARG C 38 13.55 40.11 -15.74
C ARG C 38 14.97 39.63 -16.01
N GLN C 39 15.73 40.44 -16.74
CA GLN C 39 17.11 40.12 -17.10
C GLN C 39 18.08 41.12 -16.48
N PRO C 40 18.88 40.71 -15.50
CA PRO C 40 19.89 41.62 -14.97
C PRO C 40 21.08 41.72 -15.91
N PRO C 41 21.75 42.86 -15.96
CA PRO C 41 22.87 43.03 -16.90
C PRO C 41 24.10 42.24 -16.45
N GLY C 42 24.72 41.56 -17.41
CA GLY C 42 25.95 40.84 -17.14
C GLY C 42 25.79 39.60 -16.28
N LYS C 43 24.62 38.99 -16.27
CA LYS C 43 24.38 37.80 -15.45
C LYS C 43 23.36 36.92 -16.17
N GLY C 44 22.82 35.95 -15.44
CA GLY C 44 21.84 35.03 -15.98
C GLY C 44 20.46 35.65 -16.11
N LEU C 45 19.44 34.84 -15.90
CA LEU C 45 18.05 35.28 -16.01
C LEU C 45 17.32 34.98 -14.70
N GLU C 46 16.15 35.60 -14.55
CA GLU C 46 15.35 35.41 -13.34
C GLU C 46 13.88 35.65 -13.67
N TRP C 47 13.06 34.62 -13.45
CA TRP C 47 11.63 34.75 -13.66
C TRP C 47 10.98 35.50 -12.50
N ILE C 48 9.95 36.29 -12.81
CA ILE C 48 9.26 37.12 -11.82
C ILE C 48 7.88 36.56 -11.50
N GLY C 49 7.02 36.42 -12.50
CA GLY C 49 5.69 35.91 -12.26
C GLY C 49 4.74 35.99 -13.45
N GLU C 50 3.82 35.04 -13.54
CA GLU C 50 2.83 34.99 -14.59
C GLU C 50 1.49 35.54 -14.11
N ILE C 51 0.59 35.77 -15.06
CA ILE C 51 -0.75 36.26 -14.75
C ILE C 51 -1.75 35.71 -15.75
N TYR C 52 -2.77 35.00 -15.25
CA TYR C 52 -3.85 34.56 -16.11
C TYR C 52 -4.73 35.75 -16.50
N HIS C 53 -5.50 35.57 -17.57
CA HIS C 53 -6.26 36.71 -18.10
C HIS C 53 -7.39 37.12 -17.16
N SER C 54 -8.02 36.16 -16.48
CA SER C 54 -9.23 36.49 -15.74
C SER C 54 -9.02 36.80 -14.27
N GLY C 55 -8.59 35.83 -13.47
CA GLY C 55 -8.68 36.01 -12.03
C GLY C 55 -7.45 35.81 -11.16
N ASN C 56 -6.52 34.94 -11.56
CA ASN C 56 -5.48 34.48 -10.67
C ASN C 56 -4.10 34.78 -11.25
N THR C 57 -3.19 35.21 -10.38
CA THR C 57 -1.82 35.54 -10.77
C THR C 57 -0.86 34.79 -9.87
N ASN C 58 0.03 34.01 -10.48
CA ASN C 58 1.08 33.33 -9.73
C ASN C 58 2.23 34.30 -9.45
N TYR C 59 3.20 33.83 -8.67
CA TYR C 59 4.31 34.70 -8.25
C TYR C 59 5.55 33.84 -8.03
N ASN C 60 6.58 34.46 -7.44
CA ASN C 60 7.85 33.87 -7.08
C ASN C 60 8.06 33.98 -5.57
N PRO C 61 8.56 32.92 -4.92
CA PRO C 61 8.66 32.95 -3.46
C PRO C 61 9.56 34.06 -2.91
N SER C 62 10.62 34.41 -3.62
CA SER C 62 11.56 35.41 -3.12
C SER C 62 10.89 36.77 -2.97
N LEU C 63 10.50 37.38 -4.08
CA LEU C 63 9.82 38.68 -4.06
C LEU C 63 8.30 38.48 -4.08
N LYS C 64 7.79 37.67 -3.16
CA LYS C 64 6.37 37.34 -3.18
C LYS C 64 5.52 38.50 -2.66
N SER C 65 5.97 39.17 -1.59
CA SER C 65 5.20 40.20 -0.92
C SER C 65 5.67 41.61 -1.23
N ARG C 66 6.41 41.79 -2.33
CA ARG C 66 6.91 43.11 -2.71
C ARG C 66 6.46 43.54 -4.10
N VAL C 67 5.80 42.67 -4.86
CA VAL C 67 5.47 42.95 -6.25
C VAL C 67 4.00 42.64 -6.50
N THR C 68 3.44 43.31 -7.49
CA THR C 68 2.03 43.13 -7.86
C THR C 68 1.90 43.31 -9.37
N VAL C 69 1.14 42.41 -10.01
CA VAL C 69 0.91 42.43 -11.45
C VAL C 69 -0.58 42.57 -11.69
N SER C 70 -0.96 43.50 -12.57
CA SER C 70 -2.36 43.75 -12.87
C SER C 70 -2.61 43.66 -14.37
N VAL C 71 -3.88 43.47 -14.73
CA VAL C 71 -4.30 43.35 -16.12
C VAL C 71 -5.52 44.24 -16.33
N ASP C 72 -5.78 44.58 -17.59
CA ASP C 72 -6.95 45.36 -17.96
C ASP C 72 -7.27 45.06 -19.42
N LYS C 73 -8.41 44.40 -19.65
CA LYS C 73 -8.83 44.06 -21.01
C LYS C 73 -9.39 45.25 -21.76
N SER C 74 -10.02 46.20 -21.06
CA SER C 74 -10.59 47.36 -21.73
C SER C 74 -9.52 48.17 -22.45
N LYS C 75 -8.39 48.40 -21.77
CA LYS C 75 -7.25 49.06 -22.39
C LYS C 75 -6.32 48.08 -23.08
N ASN C 76 -6.62 46.79 -23.02
CA ASN C 76 -5.88 45.76 -23.75
C ASN C 76 -4.40 45.75 -23.35
N GLN C 77 -4.15 45.76 -22.04
CA GLN C 77 -2.78 45.82 -21.57
C GLN C 77 -2.70 45.32 -20.13
N PHE C 78 -1.52 44.81 -19.77
CA PHE C 78 -1.23 44.41 -18.40
C PHE C 78 0.04 45.12 -17.94
N SER C 79 0.07 45.47 -16.66
CA SER C 79 1.11 46.33 -16.11
C SER C 79 1.71 45.70 -14.86
N LEU C 80 2.94 46.11 -14.58
CA LEU C 80 3.72 45.63 -13.45
C LEU C 80 3.85 46.75 -12.42
N LYS C 81 3.68 46.41 -11.15
CA LYS C 81 3.59 47.39 -10.07
C LYS C 81 4.57 47.01 -8.96
N LEU C 82 5.84 46.81 -9.33
CA LEU C 82 6.88 46.51 -8.35
C LEU C 82 6.97 47.63 -7.31
N THR C 83 7.06 47.24 -6.04
CA THR C 83 7.09 48.17 -4.92
C THR C 83 8.38 48.02 -4.14
N SER C 84 8.80 49.12 -3.51
CA SER C 84 9.97 49.15 -2.61
C SER C 84 11.22 48.64 -3.31
N VAL C 85 11.42 49.05 -4.56
CA VAL C 85 12.60 48.65 -5.31
C VAL C 85 13.81 49.43 -4.82
N THR C 86 14.89 48.73 -4.53
CA THR C 86 16.12 49.36 -4.06
C THR C 86 17.01 49.70 -5.25
N ALA C 87 18.24 50.10 -4.97
CA ALA C 87 19.21 50.44 -6.02
C ALA C 87 19.96 49.23 -6.54
N ALA C 88 19.75 48.05 -5.97
CA ALA C 88 20.41 46.83 -6.40
C ALA C 88 19.58 46.02 -7.37
N ASP C 89 18.43 46.54 -7.79
CA ASP C 89 17.53 45.84 -8.70
C ASP C 89 17.55 46.43 -10.11
N THR C 90 18.63 47.12 -10.48
CA THR C 90 18.73 47.68 -11.82
C THR C 90 18.89 46.55 -12.83
N ALA C 91 18.02 46.55 -13.84
CA ALA C 91 18.01 45.49 -14.84
C ALA C 91 17.19 45.97 -16.04
N VAL C 92 17.17 45.15 -17.09
CA VAL C 92 16.37 45.40 -18.27
C VAL C 92 15.26 44.35 -18.29
N TYR C 93 14.01 44.81 -18.36
CA TYR C 93 12.86 43.95 -18.16
C TYR C 93 12.20 43.61 -19.49
N TYR C 94 11.80 42.36 -19.62
CA TYR C 94 11.20 41.83 -20.84
C TYR C 94 9.71 41.58 -20.66
N CYS C 95 8.98 41.58 -21.76
CA CYS C 95 7.58 41.16 -21.79
C CYS C 95 7.52 39.84 -22.55
N ALA C 96 7.00 38.80 -21.90
CA ALA C 96 7.02 37.46 -22.44
C ALA C 96 5.64 36.82 -22.38
N ARG C 97 5.29 36.11 -23.45
CA ARG C 97 4.06 35.33 -23.52
C ARG C 97 4.43 33.85 -23.61
N ASP C 98 3.64 33.02 -22.94
CA ASP C 98 3.85 31.58 -22.96
C ASP C 98 2.58 30.88 -23.40
N VAL C 99 2.75 29.82 -24.20
CA VAL C 99 1.63 28.99 -24.61
C VAL C 99 1.32 27.99 -23.51
N SER C 100 0.04 27.82 -23.20
CA SER C 100 -0.36 26.90 -22.15
C SER C 100 0.04 25.47 -22.51
N GLY C 101 -0.56 24.92 -23.56
CA GLY C 101 -0.26 23.58 -24.01
C GLY C 101 -0.23 22.55 -22.90
N GLY C 102 0.95 22.00 -22.63
CA GLY C 102 1.15 21.12 -21.51
C GLY C 102 2.35 21.50 -20.67
N VAL C 103 3.20 22.38 -21.21
CA VAL C 103 4.43 22.81 -20.55
C VAL C 103 4.59 24.31 -20.70
N ASN C 104 5.62 24.84 -20.04
CA ASN C 104 5.97 26.25 -20.20
C ASN C 104 6.85 26.43 -21.43
N TRP C 105 6.53 27.47 -22.22
CA TRP C 105 7.29 27.77 -23.42
C TRP C 105 7.22 29.28 -23.61
N PHE C 106 8.27 29.99 -23.17
CA PHE C 106 8.26 31.45 -23.17
C PHE C 106 8.66 31.95 -24.55
N ASP C 107 7.69 31.97 -25.46
CA ASP C 107 7.90 32.45 -26.82
C ASP C 107 6.56 32.88 -27.39
N PRO C 108 6.51 33.98 -28.16
CA PRO C 108 7.61 34.87 -28.54
C PRO C 108 7.91 35.89 -27.45
N TRP C 109 9.15 36.39 -27.39
CA TRP C 109 9.53 37.36 -26.39
C TRP C 109 9.17 38.77 -26.86
N GLY C 110 9.57 39.77 -26.07
CA GLY C 110 9.35 41.15 -26.42
C GLY C 110 10.64 41.84 -26.83
N GLN C 111 10.49 43.09 -27.29
CA GLN C 111 11.65 43.87 -27.71
C GLN C 111 12.53 44.25 -26.53
N GLY C 112 11.96 44.33 -25.34
CA GLY C 112 12.74 44.69 -24.16
C GLY C 112 12.67 46.18 -23.87
N THR C 113 12.76 46.51 -22.58
CA THR C 113 12.71 47.89 -22.11
C THR C 113 13.88 48.15 -21.19
N LEU C 114 14.63 49.22 -21.46
CA LEU C 114 15.76 49.58 -20.63
C LEU C 114 15.28 50.16 -19.30
N VAL C 115 15.97 49.79 -18.22
CA VAL C 115 15.61 50.28 -16.90
C VAL C 115 16.82 50.18 -15.96
N ASN D 1 13.14 25.36 -4.94
CA ASN D 1 14.01 25.89 -5.99
C ASN D 1 15.31 25.09 -6.06
N PHE D 2 16.07 25.30 -7.13
CA PHE D 2 17.33 24.60 -7.33
C PHE D 2 18.27 25.52 -8.10
N MET D 3 19.35 24.93 -8.64
CA MET D 3 20.34 25.66 -9.41
C MET D 3 20.70 24.87 -10.66
N LEU D 4 21.23 25.57 -11.65
CA LEU D 4 21.63 24.96 -12.91
C LEU D 4 23.08 25.31 -13.20
N THR D 5 23.82 24.35 -13.76
CA THR D 5 25.23 24.53 -14.10
C THR D 5 25.42 24.25 -15.58
N GLN D 6 26.23 25.07 -16.24
CA GLN D 6 26.50 24.94 -17.65
C GLN D 6 27.98 25.18 -17.93
N PRO D 7 28.55 24.52 -18.93
CA PRO D 7 29.93 24.79 -19.31
C PRO D 7 30.08 26.17 -19.93
N HIS D 8 31.30 26.70 -19.87
N HIS D 8 31.30 26.70 -19.87
CA HIS D 8 31.60 28.03 -20.36
CA HIS D 8 31.60 28.03 -20.36
C HIS D 8 32.87 27.99 -21.22
C HIS D 8 32.87 27.99 -21.22
N SER D 9 32.96 28.96 -22.12
CA SER D 9 34.13 29.14 -23.00
C SER D 9 34.41 27.89 -23.83
N VAL D 10 33.45 27.56 -24.69
CA VAL D 10 33.56 26.44 -25.61
C VAL D 10 33.38 26.95 -27.03
N SER D 11 34.41 26.78 -27.86
CA SER D 11 34.36 27.19 -29.26
C SER D 11 35.47 26.47 -30.02
N GLU D 12 35.26 26.33 -31.32
CA GLU D 12 36.21 25.64 -32.18
C GLU D 12 36.00 26.10 -33.62
N SER D 13 36.64 25.42 -34.56
CA SER D 13 36.51 25.77 -35.96
C SER D 13 35.15 25.33 -36.49
N PRO D 14 34.72 25.91 -37.61
CA PRO D 14 33.42 25.53 -38.18
C PRO D 14 33.42 24.12 -38.74
N GLY D 15 32.23 23.53 -38.80
CA GLY D 15 32.06 22.20 -39.33
C GLY D 15 32.13 21.09 -38.31
N LYS D 16 32.43 21.40 -37.06
CA LYS D 16 32.52 20.38 -36.02
C LYS D 16 31.20 20.26 -35.25
N THR D 17 31.10 19.21 -34.45
CA THR D 17 29.93 18.95 -33.63
C THR D 17 30.31 19.13 -32.16
N VAL D 18 29.52 19.92 -31.44
CA VAL D 18 29.79 20.25 -30.04
C VAL D 18 28.57 19.89 -29.21
N THR D 19 28.82 19.30 -28.04
CA THR D 19 27.76 18.91 -27.11
C THR D 19 27.85 19.80 -25.87
N ILE D 20 26.76 20.48 -25.55
CA ILE D 20 26.63 21.30 -24.35
C ILE D 20 25.70 20.59 -23.39
N SER D 21 26.18 20.36 -22.17
CA SER D 21 25.44 19.60 -21.16
C SER D 21 24.96 20.55 -20.06
N CYS D 22 23.65 20.74 -19.97
CA CYS D 22 23.05 21.51 -18.88
C CYS D 22 22.65 20.54 -17.78
N THR D 23 23.24 20.71 -16.60
CA THR D 23 23.18 19.72 -15.53
C THR D 23 22.36 20.23 -14.35
N ARG D 24 21.47 19.38 -13.86
CA ARG D 24 20.70 19.69 -12.66
C ARG D 24 21.63 19.67 -11.44
N SER D 25 21.42 20.62 -10.53
CA SER D 25 22.26 20.66 -9.34
C SER D 25 21.83 19.63 -8.29
N SER D 26 20.57 19.68 -7.88
CA SER D 26 20.02 18.74 -6.91
C SER D 26 18.69 18.21 -7.43
N GLY D 27 18.50 16.90 -7.34
CA GLY D 27 17.27 16.28 -7.80
C GLY D 27 17.46 15.41 -9.02
N SER D 28 16.42 15.28 -9.84
CA SER D 28 16.48 14.44 -11.03
C SER D 28 15.65 15.04 -12.15
N ILE D 29 16.21 15.08 -13.35
CA ILE D 29 15.46 15.52 -14.53
C ILE D 29 14.80 14.27 -15.10
N ALA D 30 13.59 13.99 -14.60
CA ALA D 30 12.77 12.92 -15.13
C ALA D 30 11.28 13.23 -15.11
N SER D 31 10.84 14.25 -14.39
CA SER D 31 9.43 14.62 -14.32
C SER D 31 9.13 15.94 -15.02
N ASN D 32 10.15 16.66 -15.47
CA ASN D 32 9.95 17.97 -16.10
C ASN D 32 11.15 18.24 -17.01
N TYR D 33 10.94 18.06 -18.31
CA TYR D 33 12.03 18.22 -19.27
C TYR D 33 12.32 19.70 -19.52
N VAL D 34 13.47 19.96 -20.13
CA VAL D 34 14.01 21.30 -20.27
C VAL D 34 13.85 21.77 -21.71
N GLN D 35 14.15 23.05 -21.93
CA GLN D 35 14.16 23.64 -23.25
C GLN D 35 15.40 24.50 -23.40
N TRP D 36 15.80 24.74 -24.66
CA TRP D 36 17.01 25.48 -24.97
C TRP D 36 16.66 26.70 -25.80
N TYR D 37 17.02 27.88 -25.29
CA TYR D 37 16.78 29.16 -25.94
C TYR D 37 18.10 29.73 -26.44
N GLN D 38 18.03 30.50 -27.52
CA GLN D 38 19.20 31.15 -28.10
C GLN D 38 18.99 32.65 -28.17
N GLN D 39 20.06 33.40 -27.92
CA GLN D 39 20.01 34.85 -27.91
C GLN D 39 21.16 35.42 -28.73
N ARG D 40 20.84 36.46 -29.51
CA ARG D 40 21.71 37.29 -30.33
C ARG D 40 22.04 38.57 -29.59
N PRO D 41 23.29 39.04 -29.61
CA PRO D 41 23.62 40.31 -28.97
C PRO D 41 22.82 41.45 -29.57
N GLY D 42 22.08 42.15 -28.71
CA GLY D 42 21.19 43.20 -29.16
C GLY D 42 19.84 42.73 -29.64
N SER D 43 19.50 41.46 -29.45
CA SER D 43 18.23 40.90 -29.89
C SER D 43 17.63 40.04 -28.78
N ALA D 44 16.30 39.91 -28.81
CA ALA D 44 15.61 39.14 -27.81
C ALA D 44 15.91 37.65 -27.98
N PRO D 45 15.94 36.89 -26.88
CA PRO D 45 16.19 35.44 -26.98
C PRO D 45 15.05 34.74 -27.72
N THR D 46 15.42 33.66 -28.42
CA THR D 46 14.46 32.84 -29.14
C THR D 46 14.72 31.37 -28.83
N THR D 47 13.63 30.61 -28.71
CA THR D 47 13.73 29.19 -28.41
C THR D 47 14.15 28.41 -29.64
N VAL D 48 15.04 27.43 -29.46
CA VAL D 48 15.46 26.58 -30.57
C VAL D 48 15.17 25.11 -30.29
N ILE D 49 15.19 24.71 -29.01
CA ILE D 49 14.95 23.31 -28.62
C ILE D 49 13.78 23.28 -27.64
N TYR D 50 12.79 22.43 -27.91
CA TYR D 50 11.62 22.32 -27.06
C TYR D 50 11.14 20.86 -27.02
N GLU D 51 10.96 20.35 -25.79
CA GLU D 51 10.87 18.92 -25.46
C GLU D 51 12.06 18.10 -25.94
N ASP D 52 13.19 18.74 -26.27
CA ASP D 52 14.48 18.08 -26.45
C ASP D 52 14.50 17.13 -27.66
N ASN D 53 13.35 16.92 -28.30
CA ASN D 53 13.30 16.03 -29.45
C ASN D 53 12.63 16.72 -30.64
N GLN D 54 11.68 17.61 -30.36
CA GLN D 54 11.01 18.35 -31.41
C GLN D 54 11.77 19.64 -31.70
N ARG D 55 11.45 20.25 -32.84
CA ARG D 55 12.05 21.52 -33.24
C ARG D 55 10.96 22.45 -33.74
N PRO D 56 11.10 23.76 -33.54
CA PRO D 56 10.13 24.70 -34.07
C PRO D 56 10.19 24.75 -35.59
N SER D 57 9.07 25.14 -36.20
CA SER D 57 9.00 25.26 -37.64
C SER D 57 9.99 26.31 -38.14
N GLY D 58 10.75 25.93 -39.17
CA GLY D 58 11.75 26.81 -39.74
C GLY D 58 13.12 26.76 -39.09
N VAL D 59 13.25 26.03 -37.98
CA VAL D 59 14.53 25.91 -37.28
C VAL D 59 15.44 24.97 -38.08
N PRO D 60 16.74 25.19 -38.07
CA PRO D 60 17.65 24.27 -38.79
C PRO D 60 17.67 22.90 -38.14
N ASP D 61 17.92 21.88 -38.95
CA ASP D 61 17.99 20.51 -38.49
C ASP D 61 19.36 20.15 -37.93
N ARG D 62 20.32 21.08 -37.96
CA ARG D 62 21.66 20.78 -37.45
C ARG D 62 21.63 20.50 -35.95
N PHE D 63 20.87 21.29 -35.19
CA PHE D 63 20.80 21.13 -33.75
C PHE D 63 19.94 19.94 -33.38
N SER D 64 20.27 19.33 -32.24
CA SER D 64 19.51 18.18 -31.74
C SER D 64 19.63 18.13 -30.22
N GLY D 65 18.73 17.36 -29.61
CA GLY D 65 18.73 17.22 -28.18
C GLY D 65 18.75 15.76 -27.76
N SER D 66 19.25 15.52 -26.56
CA SER D 66 19.37 14.17 -26.03
C SER D 66 19.35 14.23 -24.50
N ILE D 67 19.02 13.08 -23.90
CA ILE D 67 18.95 12.94 -22.46
C ILE D 67 19.86 11.79 -22.04
N ASP D 68 20.28 11.83 -20.77
CA ASP D 68 21.16 10.80 -20.22
C ASP D 68 20.58 10.10 -19.01
N SER D 69 19.96 10.85 -18.09
CA SER D 69 19.31 10.31 -16.89
C SER D 69 20.31 9.62 -15.97
N SER D 70 21.60 9.68 -16.30
CA SER D 70 22.66 9.11 -15.46
C SER D 70 23.36 10.18 -14.64
N SER D 71 23.90 11.20 -15.31
CA SER D 71 24.50 12.35 -14.65
C SER D 71 23.49 13.47 -14.40
N ASN D 72 22.21 13.24 -14.73
CA ASN D 72 21.14 14.21 -14.51
C ASN D 72 21.43 15.50 -15.29
N SER D 73 21.58 15.35 -16.60
CA SER D 73 21.88 16.48 -17.47
C SER D 73 21.24 16.24 -18.83
N ALA D 74 21.00 17.34 -19.54
CA ALA D 74 20.46 17.31 -20.90
C ALA D 74 21.52 17.82 -21.86
N SER D 75 21.70 17.12 -22.98
CA SER D 75 22.74 17.43 -23.95
C SER D 75 22.13 18.05 -25.19
N LEU D 76 22.73 19.14 -25.64
CA LEU D 76 22.38 19.77 -26.91
C LEU D 76 23.56 19.62 -27.86
N THR D 77 23.31 19.02 -29.01
CA THR D 77 24.35 18.73 -29.99
C THR D 77 24.19 19.66 -31.19
N ILE D 78 25.28 20.31 -31.57
CA ILE D 78 25.34 21.19 -32.73
C ILE D 78 26.28 20.57 -33.75
N SER D 79 25.78 20.32 -34.95
CA SER D 79 26.55 19.73 -36.03
C SER D 79 26.69 20.73 -37.17
N GLY D 80 27.88 20.77 -37.77
CA GLY D 80 28.13 21.69 -38.86
C GLY D 80 28.08 23.14 -38.42
N LEU D 81 29.03 23.54 -37.59
CA LEU D 81 29.05 24.90 -37.07
C LEU D 81 29.25 25.91 -38.19
N LYS D 82 28.54 27.03 -38.10
CA LYS D 82 28.63 28.11 -39.07
C LYS D 82 29.01 29.41 -38.37
N THR D 83 29.28 30.44 -39.18
CA THR D 83 29.66 31.73 -38.61
C THR D 83 28.51 32.41 -37.89
N GLU D 84 27.28 31.97 -38.09
CA GLU D 84 26.12 32.53 -37.43
C GLU D 84 25.75 31.81 -36.15
N ASP D 85 26.53 30.80 -35.75
CA ASP D 85 26.25 30.05 -34.53
C ASP D 85 26.75 30.75 -33.26
N GLU D 86 27.59 31.77 -33.40
CA GLU D 86 28.12 32.48 -32.23
C GLU D 86 26.99 33.23 -31.55
N ALA D 87 26.53 32.72 -30.41
CA ALA D 87 25.37 33.27 -29.73
C ALA D 87 25.44 32.89 -28.25
N ASP D 88 24.35 33.11 -27.54
CA ASP D 88 24.22 32.72 -26.14
C ASP D 88 23.13 31.66 -26.02
N TYR D 89 23.46 30.54 -25.41
CA TYR D 89 22.53 29.42 -25.27
C TYR D 89 22.17 29.22 -23.81
N TYR D 90 20.88 29.22 -23.52
CA TYR D 90 20.36 29.07 -22.17
C TYR D 90 19.50 27.82 -22.07
N CYS D 91 19.63 27.10 -20.96
CA CYS D 91 18.78 25.96 -20.66
C CYS D 91 17.79 26.36 -19.58
N GLN D 92 16.51 26.06 -19.79
CA GLN D 92 15.45 26.46 -18.89
C GLN D 92 14.61 25.25 -18.52
N SER D 93 14.29 25.14 -17.23
CA SER D 93 13.47 24.04 -16.73
C SER D 93 12.50 24.62 -15.70
N TYR D 94 11.78 23.73 -15.02
CA TYR D 94 10.84 24.13 -13.99
C TYR D 94 10.60 22.94 -13.08
N ASP D 95 9.73 23.13 -12.09
CA ASP D 95 9.37 22.07 -11.16
C ASP D 95 7.92 22.32 -10.71
N SER D 96 7.53 21.64 -9.64
CA SER D 96 6.19 21.84 -9.09
C SER D 96 6.06 23.19 -8.38
N SER D 97 7.15 23.90 -8.16
CA SER D 97 7.12 25.17 -7.44
C SER D 97 7.17 26.38 -8.37
N THR D 98 8.24 26.50 -9.16
CA THR D 98 8.48 27.73 -9.92
C THR D 98 9.21 27.38 -11.21
N VAL D 99 9.75 28.41 -11.86
CA VAL D 99 10.54 28.29 -13.09
C VAL D 99 11.86 29.01 -12.85
N VAL D 100 12.97 28.31 -13.11
CA VAL D 100 14.30 28.86 -12.89
C VAL D 100 15.12 28.69 -14.16
N PHE D 101 15.82 29.76 -14.55
CA PHE D 101 16.65 29.73 -15.74
C PHE D 101 18.08 29.35 -15.37
N GLY D 102 18.78 28.75 -16.34
CA GLY D 102 20.16 28.35 -16.12
C GLY D 102 21.15 29.48 -16.29
N GLY D 103 22.41 29.18 -16.01
CA GLY D 103 23.45 30.18 -16.15
C GLY D 103 23.68 30.59 -17.59
N GLY D 104 23.69 29.62 -18.50
CA GLY D 104 23.89 29.89 -19.90
C GLY D 104 25.35 29.82 -20.31
N THR D 105 25.56 29.69 -21.63
CA THR D 105 26.88 29.60 -22.21
C THR D 105 26.94 30.48 -23.45
N LYS D 106 28.18 30.75 -23.89
CA LYS D 106 28.41 31.52 -25.11
C LYS D 106 29.22 30.68 -26.08
N LEU D 107 28.84 30.75 -27.36
CA LEU D 107 29.53 30.03 -28.42
C LEU D 107 30.04 31.02 -29.44
N THR D 108 31.33 30.93 -29.74
CA THR D 108 31.96 31.83 -30.72
C THR D 108 32.13 31.14 -32.06
#